data_7FH0
#
_entry.id   7FH0
#
_cell.length_a   154.456
_cell.length_b   154.456
_cell.length_c   257.916
_cell.angle_alpha   90.000
_cell.angle_beta   90.000
_cell.angle_gamma   120.000
#
_symmetry.space_group_name_H-M   'P 65 2 2'
#
loop_
_entity.id
_entity.type
_entity.pdbx_description
1 polymer 'Spike protein S1,Spike protein S1'
2 polymer 'nanobodies aRBD-2-7'
3 branched 2-acetamido-2-deoxy-beta-D-glucopyranose-(1-4)-2-acetamido-2-deoxy-beta-D-glucopyranose
4 non-polymer 2-acetamido-2-deoxy-beta-D-glucopyranose
5 non-polymer DI(HYDROXYETHYL)ETHER
6 non-polymer GLYCEROL
7 water water
#
loop_
_entity_poly.entity_id
_entity_poly.type
_entity_poly.pdbx_seq_one_letter_code
_entity_poly.pdbx_strand_id
1 'polypeptide(L)'
;RVQPTESIVRFPNITNLCPFGEVFNATRFASVYAWNRKRISNCVADYSVLYNSASFSTFKCYGVSPTKLNDLCFTNVYAD
SFVIRGDEVRQIAPGQTGKIADYNYKLPDDFTGCVIAWNSNNLDSKVGGNYNYLYRLFRKSNLKPFERDISTEIYQAGST
PCNGVEGFNCYFPLQSYGFQPTNGVGYQPYRVVVLSFELLHAPATVCGPKKSTNLVKNKRVQPTESIVRFPNITNLCPFG
EVFNATRFASVYAWNRKRISNCVADYSVLYNSASFSTFKCYGVSPTKLNDLCFTNVYADSFVIRGDEVRQIAPGQTGKIA
DYNYKLPDDFTGCVIAWNSNNLDSKVGGNYNYLYRLFRKSNLKPFERDISTEIYQAGSTPCNGVEGFNCYFPLQSYGFQP
TNGVGYQPYRVVVLSFELLHAPATVCGPKKSTNLVKNK
;
A
2 'polypeptide(L)'
;QVQLVESGGGLVQAGGSLRLSCAASGRTYTMGWFRQAPGKEREFVAAMRWSDTDYADSLKGRFTISRDNANNAMYLQMNS
LGPEDTAVYYCAAGEAWLARSTHHYDYWGQGTQVTVSSGGGGSGGGGSGGGGSQLQLVESGGGLVQAGGSLRLSCAASER
TFSGGVMGWFRQRPGKEREFVAAIRWNGASTFYADSVKGRFTCSRDNAKNTGYLQMNSLTPEDTAVYYCARAVRTYASSD
YYFQERTYDYWGQGTQVTVSS
;
B,C
#
# COMPACT_ATOMS: atom_id res chain seq x y z
N THR A 15 -5.90 -4.52 44.51
CA THR A 15 -4.91 -5.59 44.15
C THR A 15 -3.97 -5.15 43.01
N ASN A 16 -4.55 -4.65 41.92
CA ASN A 16 -3.81 -4.14 40.75
C ASN A 16 -3.15 -5.25 39.92
N LEU A 17 -3.91 -6.31 39.63
CA LEU A 17 -3.44 -7.44 38.81
C LEU A 17 -3.54 -7.09 37.32
N CYS A 18 -2.70 -7.71 36.50
CA CYS A 18 -2.66 -7.38 35.07
C CYS A 18 -3.81 -8.02 34.32
N PRO A 19 -4.33 -7.35 33.27
CA PRO A 19 -5.56 -7.78 32.61
C PRO A 19 -5.35 -8.91 31.60
N PHE A 20 -4.79 -10.04 32.06
CA PHE A 20 -4.59 -11.18 31.18
C PHE A 20 -5.91 -11.88 30.85
N GLY A 21 -6.97 -11.61 31.60
CA GLY A 21 -8.32 -12.04 31.24
C GLY A 21 -8.77 -11.51 29.89
N GLU A 22 -8.57 -10.21 29.70
CA GLU A 22 -8.91 -9.57 28.43
C GLU A 22 -8.19 -10.28 27.28
N VAL A 23 -6.88 -10.46 27.46
CA VAL A 23 -5.99 -10.94 26.40
C VAL A 23 -6.22 -12.43 26.09
N PHE A 24 -6.09 -13.26 27.12
CA PHE A 24 -6.12 -14.73 26.96
C PHE A 24 -7.52 -15.29 26.79
N ASN A 25 -8.49 -14.72 27.51
CA ASN A 25 -9.85 -15.27 27.56
C ASN A 25 -10.83 -14.70 26.53
N ALA A 26 -10.46 -13.65 25.80
CA ALA A 26 -11.33 -13.02 24.79
C ALA A 26 -12.10 -14.03 23.94
N THR A 27 -13.39 -13.78 23.76
CA THR A 27 -14.21 -14.53 22.82
C THR A 27 -13.63 -14.40 21.41
N ARG A 28 -13.33 -13.14 21.03
CA ARG A 28 -12.87 -12.77 19.69
C ARG A 28 -11.33 -12.75 19.59
N PHE A 29 -10.76 -13.53 18.67
CA PHE A 29 -9.30 -13.53 18.42
C PHE A 29 -8.98 -13.05 17.00
N ALA A 30 -7.85 -12.35 16.86
CA ALA A 30 -7.49 -11.70 15.59
C ALA A 30 -6.98 -12.67 14.53
N SER A 31 -7.15 -12.30 13.27
CA SER A 31 -6.50 -13.00 12.18
C SER A 31 -5.03 -12.61 12.21
N VAL A 32 -4.15 -13.58 12.01
CA VAL A 32 -2.71 -13.34 12.15
C VAL A 32 -2.18 -12.15 11.34
N TYR A 33 -2.71 -11.94 10.14
CA TYR A 33 -2.23 -10.86 9.26
C TYR A 33 -2.48 -9.50 9.88
N ALA A 34 -3.64 -9.37 10.53
CA ALA A 34 -4.02 -8.17 11.26
C ALA A 34 -3.96 -8.46 12.76
N TRP A 35 -2.79 -8.91 13.19
CA TRP A 35 -2.53 -9.28 14.59
C TRP A 35 -2.79 -8.12 15.55
N ASN A 36 -3.43 -8.46 16.66
CA ASN A 36 -3.83 -7.53 17.69
C ASN A 36 -2.69 -7.30 18.65
N ARG A 37 -2.52 -6.07 19.11
CA ARG A 37 -1.55 -5.72 20.17
C ARG A 37 -2.30 -5.04 21.33
N LYS A 38 -2.10 -5.54 22.54
CA LYS A 38 -2.55 -4.84 23.76
C LYS A 38 -1.33 -4.44 24.59
N ARG A 39 -1.37 -3.24 25.17
CA ARG A 39 -0.32 -2.78 26.07
C ARG A 39 -0.61 -3.26 27.48
N ILE A 40 0.44 -3.62 28.23
CA ILE A 40 0.32 -4.02 29.62
C ILE A 40 1.29 -3.14 30.41
N SER A 41 0.77 -2.33 31.34
CA SER A 41 1.60 -1.54 32.24
C SER A 41 0.87 -1.17 33.52
N ASN A 42 1.63 -0.71 34.50
CA ASN A 42 1.11 -0.31 35.81
C ASN A 42 0.23 -1.40 36.40
N CYS A 43 0.80 -2.59 36.54
CA CYS A 43 0.08 -3.72 37.16
C CYS A 43 1.05 -4.80 37.67
N VAL A 44 0.49 -5.84 38.31
CA VAL A 44 1.27 -6.95 38.86
C VAL A 44 0.78 -8.30 38.33
N ALA A 45 1.64 -8.97 37.56
CA ALA A 45 1.27 -10.20 36.86
C ALA A 45 1.78 -11.44 37.58
N ASP A 46 0.87 -12.30 38.03
CA ASP A 46 1.23 -13.62 38.52
C ASP A 46 1.29 -14.57 37.33
N TYR A 47 2.51 -14.84 36.85
CA TYR A 47 2.73 -15.69 35.67
C TYR A 47 2.42 -17.17 35.92
N SER A 48 2.55 -17.63 37.16
CA SER A 48 2.25 -19.03 37.51
C SER A 48 0.75 -19.31 37.61
N VAL A 49 -0.02 -18.31 38.02
CA VAL A 49 -1.47 -18.34 37.87
C VAL A 49 -1.82 -18.50 36.39
N LEU A 50 -1.12 -17.74 35.54
CA LEU A 50 -1.25 -17.89 34.07
C LEU A 50 -0.99 -19.33 33.63
N TYR A 51 0.14 -19.90 34.06
CA TYR A 51 0.56 -21.25 33.62
C TYR A 51 -0.44 -22.36 33.98
N ASN A 52 -1.12 -22.19 35.12
CA ASN A 52 -2.15 -23.13 35.57
C ASN A 52 -3.53 -22.78 35.00
N SER A 53 -3.76 -21.50 34.69
CA SER A 53 -5.04 -20.98 34.15
C SER A 53 -5.62 -21.75 32.96
N ALA A 54 -4.78 -22.36 32.15
CA ALA A 54 -5.24 -23.22 31.07
C ALA A 54 -4.20 -24.29 30.75
N SER A 55 -4.59 -25.21 29.87
CA SER A 55 -3.72 -26.29 29.40
C SER A 55 -2.98 -25.87 28.11
N PHE A 56 -1.87 -25.15 28.28
CA PHE A 56 -1.08 -24.64 27.15
C PHE A 56 -0.27 -25.75 26.48
N SER A 57 -0.13 -25.61 25.16
CA SER A 57 0.70 -26.49 24.34
C SER A 57 2.13 -25.98 24.18
N THR A 58 2.30 -24.65 24.26
CA THR A 58 3.59 -23.97 24.12
C THR A 58 3.65 -22.86 25.15
N PHE A 59 4.66 -22.89 26.02
CA PHE A 59 4.93 -21.80 26.99
C PHE A 59 6.44 -21.68 27.13
N LYS A 60 7.05 -20.86 26.28
CA LYS A 60 8.50 -20.75 26.21
C LYS A 60 8.89 -19.30 26.30
N CYS A 61 10.09 -19.03 26.77
CA CYS A 61 10.58 -17.67 26.92
C CYS A 61 11.99 -17.51 26.36
N TYR A 62 12.33 -16.28 25.99
CA TYR A 62 13.61 -15.95 25.34
C TYR A 62 14.24 -14.78 26.08
N GLY A 63 15.53 -14.90 26.41
CA GLY A 63 16.26 -13.86 27.17
C GLY A 63 15.90 -13.71 28.64
N VAL A 64 15.15 -14.68 29.18
CA VAL A 64 14.64 -14.62 30.55
C VAL A 64 14.12 -16.00 30.96
N SER A 65 14.36 -16.39 32.21
CA SER A 65 14.03 -17.74 32.65
C SER A 65 12.58 -17.79 33.12
N PRO A 66 11.79 -18.77 32.64
CA PRO A 66 10.35 -18.80 32.94
C PRO A 66 9.98 -19.15 34.40
N THR A 67 10.87 -19.83 35.11
CA THR A 67 10.66 -20.14 36.53
C THR A 67 10.92 -18.89 37.39
N LYS A 68 11.87 -18.05 36.94
CA LYS A 68 12.19 -16.78 37.60
C LYS A 68 11.28 -15.60 37.17
N LEU A 69 10.19 -15.86 36.46
CA LEU A 69 9.32 -14.77 35.96
C LEU A 69 8.70 -13.93 37.07
N ASN A 70 8.20 -14.58 38.11
CA ASN A 70 7.61 -13.89 39.25
C ASN A 70 8.57 -12.93 39.98
N ASP A 71 9.89 -13.16 39.90
CA ASP A 71 10.89 -12.27 40.56
C ASP A 71 11.41 -11.15 39.66
N LEU A 72 10.69 -10.79 38.60
CA LEU A 72 11.21 -9.83 37.62
C LEU A 72 10.27 -8.66 37.33
N CYS A 73 10.87 -7.55 36.91
CA CYS A 73 10.16 -6.32 36.56
C CYS A 73 10.67 -5.77 35.22
N PHE A 74 9.74 -5.31 34.39
CA PHE A 74 10.05 -4.91 33.01
C PHE A 74 9.59 -3.48 32.73
N THR A 75 10.30 -2.82 31.81
CA THR A 75 10.02 -1.42 31.41
C THR A 75 8.79 -1.31 30.52
N ASN A 76 8.72 -2.16 29.49
CA ASN A 76 7.61 -2.22 28.53
C ASN A 76 7.07 -3.61 28.52
N VAL A 77 5.78 -3.74 28.25
CA VAL A 77 5.17 -5.04 27.98
C VAL A 77 4.10 -4.83 26.92
N TYR A 78 4.08 -5.73 25.95
CA TYR A 78 3.03 -5.79 24.94
C TYR A 78 2.58 -7.23 24.87
N ALA A 79 1.28 -7.45 24.69
CA ALA A 79 0.74 -8.79 24.50
C ALA A 79 0.09 -8.83 23.13
N ASP A 80 0.67 -9.60 22.23
CA ASP A 80 0.17 -9.72 20.86
C ASP A 80 -0.65 -11.02 20.71
N SER A 81 -1.79 -10.93 20.02
CA SER A 81 -2.79 -12.01 19.96
C SER A 81 -3.14 -12.35 18.52
N PHE A 82 -3.15 -13.64 18.19
CA PHE A 82 -3.65 -14.09 16.89
C PHE A 82 -3.93 -15.59 16.85
N VAL A 83 -4.52 -16.05 15.74
CA VAL A 83 -4.71 -17.48 15.47
C VAL A 83 -3.92 -17.89 14.24
N ILE A 84 -3.23 -19.02 14.36
CA ILE A 84 -2.55 -19.71 13.26
C ILE A 84 -2.78 -21.21 13.34
N ARG A 85 -2.33 -21.96 12.33
CA ARG A 85 -2.36 -23.42 12.36
C ARG A 85 -1.40 -23.97 13.39
N GLY A 86 -1.64 -25.20 13.80
CA GLY A 86 -0.78 -25.91 14.76
C GLY A 86 0.67 -25.98 14.30
N ASP A 87 0.88 -26.48 13.08
CA ASP A 87 2.24 -26.58 12.52
C ASP A 87 2.92 -25.23 12.17
N GLU A 88 2.18 -24.12 12.26
CA GLU A 88 2.77 -22.79 12.07
C GLU A 88 3.26 -22.16 13.40
N VAL A 89 2.97 -22.79 14.53
CA VAL A 89 3.39 -22.23 15.84
C VAL A 89 4.91 -22.20 15.97
N ARG A 90 5.57 -23.21 15.40
CA ARG A 90 7.03 -23.22 15.23
C ARG A 90 7.60 -21.88 14.74
N GLN A 91 6.87 -21.19 13.86
CA GLN A 91 7.35 -19.94 13.25
C GLN A 91 7.25 -18.69 14.13
N ILE A 92 6.67 -18.80 15.33
CA ILE A 92 6.55 -17.66 16.24
C ILE A 92 7.75 -17.62 17.20
N ALA A 93 8.92 -18.05 16.73
CA ALA A 93 10.17 -17.85 17.46
C ALA A 93 11.07 -16.91 16.67
N PRO A 94 12.11 -16.37 17.30
CA PRO A 94 13.09 -15.59 16.55
C PRO A 94 13.82 -16.40 15.49
N GLY A 95 14.34 -15.71 14.49
CA GLY A 95 15.14 -16.34 13.43
C GLY A 95 14.42 -17.31 12.49
N GLN A 96 13.11 -17.54 12.65
CA GLN A 96 12.37 -18.50 11.83
C GLN A 96 11.91 -17.93 10.51
N THR A 97 11.50 -18.80 9.60
CA THR A 97 10.87 -18.39 8.33
C THR A 97 9.69 -19.31 7.96
N GLY A 98 9.02 -19.00 6.85
CA GLY A 98 7.73 -19.61 6.48
C GLY A 98 6.70 -18.53 6.24
N LYS A 99 5.55 -18.89 5.67
CA LYS A 99 4.43 -17.94 5.45
C LYS A 99 4.21 -16.94 6.58
N ILE A 100 4.10 -17.46 7.80
CA ILE A 100 3.70 -16.65 8.95
C ILE A 100 4.82 -15.73 9.38
N ALA A 101 6.01 -16.26 9.53
CA ALA A 101 7.15 -15.44 9.97
C ALA A 101 7.53 -14.40 8.95
N ASP A 102 7.44 -14.75 7.67
CA ASP A 102 7.93 -13.87 6.60
C ASP A 102 6.93 -12.78 6.20
N TYR A 103 5.63 -13.13 6.15
CA TYR A 103 4.58 -12.25 5.61
C TYR A 103 3.44 -11.83 6.57
N ASN A 104 3.42 -12.34 7.80
CA ASN A 104 2.31 -12.07 8.72
C ASN A 104 2.75 -11.49 10.06
N TYR A 105 3.61 -12.21 10.79
CA TYR A 105 4.10 -11.78 12.11
C TYR A 105 5.55 -12.22 12.31
N LYS A 106 6.47 -11.25 12.38
CA LYS A 106 7.94 -11.49 12.52
C LYS A 106 8.46 -10.95 13.85
N LEU A 107 9.06 -11.83 14.67
CA LEU A 107 9.82 -11.42 15.87
C LEU A 107 11.26 -11.11 15.50
N PRO A 108 11.89 -10.15 16.19
CA PRO A 108 13.29 -9.81 15.91
C PRO A 108 14.26 -10.87 16.44
N ASP A 109 15.51 -10.82 15.99
CA ASP A 109 16.54 -11.77 16.43
C ASP A 109 16.91 -11.60 17.90
N ASP A 110 16.85 -10.37 18.40
CA ASP A 110 17.10 -10.09 19.84
C ASP A 110 15.82 -10.11 20.72
N PHE A 111 14.87 -10.98 20.39
CA PHE A 111 13.57 -10.97 21.06
C PHE A 111 13.69 -11.37 22.52
N THR A 112 13.11 -10.55 23.38
CA THR A 112 13.02 -10.80 24.80
C THR A 112 11.56 -10.85 25.17
N GLY A 113 11.10 -12.03 25.58
CA GLY A 113 9.70 -12.22 25.91
C GLY A 113 9.34 -13.67 25.99
N CYS A 114 8.03 -13.94 25.94
CA CYS A 114 7.52 -15.30 25.96
C CYS A 114 6.51 -15.52 24.84
N VAL A 115 6.34 -16.78 24.48
CA VAL A 115 5.43 -17.18 23.41
C VAL A 115 4.56 -18.29 23.99
N ILE A 116 3.29 -17.97 24.20
CA ILE A 116 2.33 -18.89 24.75
C ILE A 116 1.39 -19.28 23.64
N ALA A 117 1.00 -20.55 23.60
CA ALA A 117 0.03 -21.04 22.63
C ALA A 117 -0.84 -22.12 23.23
N TRP A 118 -2.04 -22.27 22.70
CA TRP A 118 -2.90 -23.41 23.03
C TRP A 118 -3.85 -23.80 21.93
N ASN A 119 -4.23 -25.08 21.95
CA ASN A 119 -5.16 -25.62 20.97
C ASN A 119 -6.49 -24.93 21.17
N SER A 120 -7.13 -24.61 20.05
CA SER A 120 -8.27 -23.72 20.03
C SER A 120 -9.47 -24.38 19.37
N ASN A 121 -9.42 -25.69 19.17
CA ASN A 121 -10.29 -26.38 18.22
C ASN A 121 -11.75 -26.38 18.65
N ASN A 122 -12.00 -26.54 19.94
CA ASN A 122 -13.36 -26.40 20.49
C ASN A 122 -13.96 -25.00 20.24
N LEU A 123 -13.18 -23.95 20.41
CA LEU A 123 -13.67 -22.58 20.20
C LEU A 123 -13.76 -22.16 18.72
N ASP A 124 -12.73 -22.46 17.93
CA ASP A 124 -12.56 -21.87 16.58
C ASP A 124 -12.84 -22.79 15.37
N SER A 125 -13.50 -23.95 15.59
CA SER A 125 -13.97 -24.80 14.48
C SER A 125 -15.48 -24.74 14.31
N LYS A 126 -15.96 -25.29 13.21
CA LYS A 126 -17.39 -25.34 12.88
C LYS A 126 -17.55 -26.50 11.91
N VAL A 127 -18.75 -27.10 11.85
CA VAL A 127 -18.94 -28.35 11.10
C VAL A 127 -18.76 -28.14 9.58
N GLY A 128 -19.33 -27.07 9.05
CA GLY A 128 -19.10 -26.67 7.66
C GLY A 128 -17.67 -26.21 7.40
N GLY A 129 -17.08 -25.55 8.41
CA GLY A 129 -15.73 -25.00 8.33
C GLY A 129 -15.77 -23.55 8.78
N ASN A 130 -14.70 -23.08 9.43
CA ASN A 130 -14.58 -21.68 9.82
C ASN A 130 -13.51 -20.99 8.98
N TYR A 131 -13.98 -20.16 8.06
CA TYR A 131 -13.11 -19.50 7.10
C TYR A 131 -12.94 -18.02 7.43
N ASN A 132 -13.18 -17.66 8.68
CA ASN A 132 -13.13 -16.26 9.10
C ASN A 132 -11.72 -15.86 9.50
N TYR A 133 -10.85 -16.83 9.74
CA TYR A 133 -9.47 -16.55 10.11
C TYR A 133 -8.58 -16.59 8.87
N LEU A 134 -7.84 -15.51 8.64
CA LEU A 134 -7.07 -15.28 7.42
C LEU A 134 -5.56 -15.20 7.67
N TYR A 135 -4.79 -15.37 6.59
CA TYR A 135 -3.33 -15.20 6.56
C TYR A 135 -2.90 -14.64 5.19
N ARG A 136 -1.96 -13.71 5.20
CA ARG A 136 -1.39 -13.19 3.96
C ARG A 136 -0.52 -14.26 3.31
N LEU A 137 -0.75 -14.48 2.02
CA LEU A 137 -0.08 -15.52 1.24
C LEU A 137 1.03 -14.97 0.34
N PHE A 138 0.77 -13.87 -0.37
CA PHE A 138 1.76 -13.24 -1.25
C PHE A 138 2.08 -11.83 -0.77
N ARG A 139 3.34 -11.43 -0.95
CA ARG A 139 3.81 -10.09 -0.59
C ARG A 139 5.05 -9.75 -1.38
N LYS A 140 5.30 -8.46 -1.61
CA LYS A 140 6.48 -8.04 -2.40
C LYS A 140 7.81 -8.26 -1.70
N SER A 141 7.80 -8.32 -0.37
CA SER A 141 9.02 -8.50 0.42
C SER A 141 8.68 -8.93 1.85
N ASN A 142 9.69 -9.33 2.61
CA ASN A 142 9.46 -9.82 3.95
C ASN A 142 9.19 -8.68 4.91
N LEU A 143 8.39 -8.94 5.95
CA LEU A 143 8.10 -7.95 6.99
C LEU A 143 9.30 -7.70 7.86
N LYS A 144 9.45 -6.45 8.30
CA LYS A 144 10.42 -6.08 9.32
C LYS A 144 9.87 -6.54 10.68
N PRO A 145 10.72 -6.67 11.70
CA PRO A 145 10.20 -7.14 12.97
C PRO A 145 9.08 -6.25 13.53
N PHE A 146 8.05 -6.90 14.06
CA PHE A 146 6.83 -6.27 14.59
C PHE A 146 6.08 -5.38 13.60
N GLU A 147 6.27 -5.61 12.29
CA GLU A 147 5.50 -4.90 11.27
C GLU A 147 4.16 -5.60 11.16
N ARG A 148 3.15 -4.83 10.76
CA ARG A 148 1.78 -5.31 10.57
C ARG A 148 1.28 -4.78 9.23
N ASP A 149 0.85 -5.66 8.34
CA ASP A 149 0.34 -5.25 7.02
C ASP A 149 -1.13 -5.67 6.91
N ILE A 150 -2.01 -4.68 6.83
CA ILE A 150 -3.43 -4.89 6.69
C ILE A 150 -3.92 -4.60 5.22
N SER A 151 -2.99 -4.25 4.30
CA SER A 151 -3.28 -4.02 2.85
C SER A 151 -4.16 -5.08 2.24
N THR A 152 -5.12 -4.67 1.40
CA THR A 152 -5.88 -5.66 0.61
C THR A 152 -5.72 -5.42 -0.89
N GLU A 153 -4.54 -4.93 -1.29
CA GLU A 153 -4.30 -4.56 -2.68
C GLU A 153 -3.94 -5.79 -3.52
N ILE A 154 -4.20 -5.70 -4.82
CA ILE A 154 -4.10 -6.86 -5.71
C ILE A 154 -2.62 -7.13 -5.88
N TYR A 155 -2.21 -8.38 -5.68
CA TYR A 155 -0.81 -8.75 -5.81
C TYR A 155 -0.47 -9.02 -7.26
N GLN A 156 0.57 -8.34 -7.75
CA GLN A 156 0.98 -8.43 -9.16
C GLN A 156 2.12 -9.42 -9.34
N ALA A 157 1.80 -10.58 -9.89
CA ALA A 157 2.79 -11.63 -10.05
C ALA A 157 3.71 -11.43 -11.24
N GLY A 158 3.32 -10.61 -12.22
CA GLY A 158 4.07 -10.49 -13.48
C GLY A 158 4.47 -9.07 -13.78
N SER A 159 4.75 -8.79 -15.06
CA SER A 159 5.23 -7.47 -15.47
C SER A 159 4.10 -6.45 -15.68
N THR A 160 2.97 -6.87 -16.26
CA THR A 160 1.85 -5.94 -16.50
C THR A 160 1.19 -5.55 -15.18
N PRO A 161 0.73 -4.29 -15.05
CA PRO A 161 -0.11 -3.87 -13.92
C PRO A 161 -1.42 -4.62 -13.87
N CYS A 162 -2.07 -4.61 -12.70
CA CYS A 162 -3.37 -5.29 -12.55
C CYS A 162 -4.60 -4.43 -12.82
N ASN A 163 -4.45 -3.10 -12.64
CA ASN A 163 -5.52 -2.13 -12.88
C ASN A 163 -6.84 -2.56 -12.25
N GLY A 164 -6.77 -2.87 -10.95
CA GLY A 164 -7.95 -3.12 -10.14
C GLY A 164 -8.75 -4.38 -10.38
N VAL A 165 -8.29 -5.24 -11.28
CA VAL A 165 -9.04 -6.42 -11.70
C VAL A 165 -8.20 -7.68 -11.55
N GLU A 166 -8.79 -8.68 -10.90
CA GLU A 166 -8.15 -9.99 -10.71
C GLU A 166 -8.27 -10.86 -11.95
N GLY A 167 -7.43 -11.89 -11.97
CA GLY A 167 -7.28 -12.79 -13.10
C GLY A 167 -5.94 -13.49 -13.04
N PHE A 168 -5.34 -13.74 -14.20
CA PHE A 168 -4.03 -14.36 -14.23
C PHE A 168 -2.95 -13.36 -13.85
N ASN A 169 -1.95 -13.84 -13.11
CA ASN A 169 -0.89 -12.98 -12.54
C ASN A 169 -1.38 -11.82 -11.66
N CYS A 170 -2.65 -11.86 -11.24
CA CYS A 170 -3.28 -10.78 -10.49
C CYS A 170 -4.20 -11.34 -9.41
N TYR A 171 -3.71 -11.36 -8.17
CA TYR A 171 -4.26 -12.21 -7.12
C TYR A 171 -4.59 -11.44 -5.87
N PHE A 172 -5.61 -11.88 -5.14
CA PHE A 172 -5.91 -11.32 -3.83
C PHE A 172 -4.85 -11.87 -2.89
N PRO A 173 -4.27 -11.03 -2.03
CA PRO A 173 -3.14 -11.46 -1.22
C PRO A 173 -3.49 -12.23 0.06
N LEU A 174 -4.73 -12.13 0.53
CA LEU A 174 -5.15 -12.87 1.73
C LEU A 174 -5.82 -14.17 1.36
N GLN A 175 -5.86 -15.10 2.32
CA GLN A 175 -6.54 -16.37 2.14
C GLN A 175 -6.95 -16.87 3.50
N SER A 176 -8.03 -17.64 3.55
CA SER A 176 -8.56 -18.10 4.82
C SER A 176 -8.11 -19.52 5.17
N TYR A 177 -7.85 -19.74 6.45
CA TYR A 177 -7.65 -21.08 6.98
C TYR A 177 -8.99 -21.78 6.92
N GLY A 178 -8.96 -23.09 6.74
CA GLY A 178 -10.16 -23.92 6.78
C GLY A 178 -10.16 -24.81 8.00
N PHE A 179 -10.76 -24.33 9.09
CA PHE A 179 -10.76 -25.07 10.36
C PHE A 179 -11.99 -25.98 10.51
N GLN A 180 -11.77 -27.28 10.30
CA GLN A 180 -12.78 -28.32 10.47
C GLN A 180 -12.61 -28.90 11.88
N PRO A 181 -13.65 -29.56 12.41
CA PRO A 181 -13.44 -30.36 13.61
C PRO A 181 -12.61 -31.59 13.27
N THR A 182 -13.06 -32.40 12.31
CA THR A 182 -12.32 -33.61 11.93
C THR A 182 -11.10 -33.27 11.10
N ASN A 183 -10.12 -32.66 11.76
CA ASN A 183 -8.91 -32.17 11.12
C ASN A 183 -7.72 -32.75 11.84
N GLY A 184 -6.62 -32.94 11.11
CA GLY A 184 -5.33 -33.25 11.72
C GLY A 184 -4.96 -32.22 12.77
N VAL A 185 -4.10 -32.59 13.70
CA VAL A 185 -3.78 -31.70 14.83
C VAL A 185 -2.93 -30.52 14.37
N GLY A 186 -2.11 -30.74 13.34
CA GLY A 186 -1.27 -29.70 12.75
C GLY A 186 -2.02 -28.72 11.85
N TYR A 187 -3.21 -29.12 11.41
CA TYR A 187 -4.12 -28.25 10.66
C TYR A 187 -5.28 -27.69 11.51
N GLN A 188 -5.21 -27.87 12.83
CA GLN A 188 -6.19 -27.31 13.76
C GLN A 188 -5.78 -25.90 14.17
N PRO A 189 -6.75 -25.09 14.66
CA PRO A 189 -6.45 -23.72 15.06
C PRO A 189 -5.79 -23.65 16.42
N TYR A 190 -4.87 -22.71 16.59
CA TYR A 190 -4.16 -22.50 17.85
C TYR A 190 -4.14 -21.02 18.16
N ARG A 191 -4.46 -20.67 19.40
CA ARG A 191 -4.40 -19.28 19.83
C ARG A 191 -3.03 -19.01 20.40
N VAL A 192 -2.51 -17.83 20.10
CA VAL A 192 -1.13 -17.50 20.42
C VAL A 192 -1.08 -16.13 21.08
N VAL A 193 -0.45 -16.07 22.24
CA VAL A 193 -0.13 -14.80 22.90
C VAL A 193 1.39 -14.66 22.91
N VAL A 194 1.88 -13.46 22.64
CA VAL A 194 3.30 -13.18 22.58
C VAL A 194 3.56 -11.98 23.47
N LEU A 195 4.13 -12.24 24.65
CA LEU A 195 4.48 -11.17 25.59
C LEU A 195 5.89 -10.71 25.27
N SER A 196 6.07 -9.40 25.03
CA SER A 196 7.38 -8.82 24.69
C SER A 196 7.80 -7.94 25.86
N PHE A 197 8.98 -8.22 26.44
CA PHE A 197 9.51 -7.43 27.57
C PHE A 197 10.67 -6.52 27.18
N GLU A 198 10.88 -5.48 27.97
CA GLU A 198 12.15 -4.76 28.01
C GLU A 198 12.73 -4.90 29.41
N LEU A 199 13.94 -5.45 29.48
CA LEU A 199 14.57 -5.75 30.76
C LEU A 199 15.00 -4.46 31.42
N LEU A 200 14.73 -4.36 32.72
CA LEU A 200 14.83 -3.12 33.48
C LEU A 200 16.24 -2.50 33.41
N HIS A 201 17.23 -3.24 33.92
CA HIS A 201 18.60 -2.73 33.98
C HIS A 201 19.20 -2.79 32.57
N ALA A 202 19.40 -1.61 31.98
CA ALA A 202 19.75 -1.48 30.56
C ALA A 202 21.15 -0.87 30.40
N PRO A 203 22.11 -1.59 29.76
CA PRO A 203 23.46 -1.03 29.53
C PRO A 203 23.46 0.24 28.67
N ALA A 204 24.16 1.29 29.13
CA ALA A 204 24.26 2.57 28.41
C ALA A 204 25.16 2.41 27.18
N THR A 205 24.72 2.92 26.02
CA THR A 205 25.48 2.78 24.77
C THR A 205 26.13 4.08 24.27
N VAL A 206 25.65 5.24 24.74
CA VAL A 206 26.19 6.54 24.31
C VAL A 206 26.27 7.50 25.48
N CYS A 207 27.39 8.21 25.60
CA CYS A 207 27.70 9.10 26.74
C CYS A 207 28.64 10.26 26.35
N GLY A 208 28.79 11.24 27.24
CA GLY A 208 29.69 12.41 27.02
C GLY A 208 31.12 12.26 27.58
N PRO A 209 31.46 12.97 28.68
CA PRO A 209 32.72 12.77 29.42
C PRO A 209 32.65 11.66 30.49
N LYS A 210 31.46 11.19 30.84
CA LYS A 210 31.26 10.20 31.91
C LYS A 210 31.40 8.77 31.36
N LYS A 211 31.14 7.77 32.20
CA LYS A 211 31.21 6.35 31.81
C LYS A 211 30.39 5.49 32.78
N ASN A 235 35.70 5.16 19.16
CA ASN A 235 35.91 6.11 20.25
C ASN A 235 34.81 7.20 20.25
N LEU A 236 34.83 8.11 19.28
CA LEU A 236 33.83 9.20 19.14
C LEU A 236 32.70 8.77 18.21
N CYS A 237 31.50 9.36 18.39
CA CYS A 237 30.34 9.01 17.57
C CYS A 237 30.40 9.68 16.20
N PRO A 238 29.90 9.00 15.14
CA PRO A 238 30.01 9.57 13.79
C PRO A 238 29.02 10.71 13.52
N PHE A 239 29.17 11.82 14.25
CA PHE A 239 28.28 12.97 14.13
C PHE A 239 28.65 13.83 12.93
N GLY A 240 29.91 13.79 12.50
CA GLY A 240 30.35 14.39 11.23
C GLY A 240 29.73 13.72 10.02
N GLU A 241 29.73 12.39 10.02
CA GLU A 241 29.07 11.58 8.99
C GLU A 241 27.60 11.97 8.76
N VAL A 242 26.84 12.07 9.86
CA VAL A 242 25.40 12.43 9.81
C VAL A 242 25.18 13.89 9.40
N PHE A 243 25.73 14.83 10.18
CA PHE A 243 25.45 16.26 10.00
C PHE A 243 26.10 16.86 8.75
N ASN A 244 27.24 16.32 8.31
CA ASN A 244 27.93 16.80 7.10
C ASN A 244 27.93 15.77 5.97
N ALA A 245 26.87 14.96 5.84
CA ALA A 245 26.75 14.04 4.70
C ALA A 245 26.59 14.86 3.42
N THR A 246 27.17 14.41 2.32
CA THR A 246 27.04 15.12 1.03
C THR A 246 25.58 15.15 0.59
N ARG A 247 24.91 14.00 0.68
CA ARG A 247 23.50 13.85 0.30
C ARG A 247 22.57 13.61 1.52
N PHE A 248 21.54 14.45 1.64
CA PHE A 248 20.47 14.31 2.65
C PHE A 248 19.21 13.77 1.95
N ALA A 249 18.39 13.02 2.69
CA ALA A 249 17.17 12.40 2.14
C ALA A 249 15.94 13.32 2.18
N SER A 250 14.95 13.00 1.34
CA SER A 250 13.66 13.73 1.31
C SER A 250 12.85 13.38 2.54
N VAL A 251 12.04 14.33 3.00
CA VAL A 251 11.33 14.18 4.27
C VAL A 251 10.39 12.96 4.40
N TYR A 252 9.70 12.59 3.30
CA TYR A 252 8.80 11.42 3.30
C TYR A 252 9.58 10.10 3.47
N ALA A 253 10.80 10.06 2.94
CA ALA A 253 11.69 8.90 3.02
C ALA A 253 12.86 9.20 3.97
N TRP A 254 12.53 9.70 5.16
CA TRP A 254 13.54 10.11 6.15
C TRP A 254 14.47 8.96 6.53
N ASN A 255 15.71 9.34 6.88
CA ASN A 255 16.81 8.41 7.02
C ASN A 255 17.27 8.29 8.47
N ARG A 256 17.04 7.12 9.07
CA ARG A 256 17.46 6.80 10.44
C ARG A 256 18.82 6.13 10.40
N LYS A 257 19.77 6.68 11.17
CA LYS A 257 21.05 6.04 11.46
C LYS A 257 21.12 5.83 12.97
N ARG A 258 21.41 4.60 13.40
CA ARG A 258 21.58 4.27 14.82
C ARG A 258 22.96 4.71 15.29
N ILE A 259 22.99 5.43 16.42
CA ILE A 259 24.22 5.84 17.08
C ILE A 259 24.35 4.97 18.32
N SER A 260 25.42 4.19 18.41
CA SER A 260 25.65 3.32 19.58
C SER A 260 27.12 2.92 19.75
N ASN A 261 27.49 2.67 21.01
CA ASN A 261 28.85 2.24 21.40
C ASN A 261 29.90 3.27 21.01
N CYS A 262 29.72 4.49 21.53
CA CYS A 262 30.65 5.60 21.26
C CYS A 262 30.46 6.77 22.23
N VAL A 263 31.37 7.74 22.16
CA VAL A 263 31.34 8.98 22.97
C VAL A 263 30.74 10.16 22.19
N ALA A 264 29.68 10.74 22.76
CA ALA A 264 28.92 11.81 22.12
C ALA A 264 29.47 13.19 22.46
N ASP A 265 30.07 13.82 21.45
CA ASP A 265 30.62 15.18 21.56
C ASP A 265 29.53 16.25 21.46
N TYR A 266 28.67 16.33 22.49
CA TYR A 266 27.53 17.26 22.49
C TYR A 266 27.90 18.73 22.71
N SER A 267 29.02 18.97 23.40
CA SER A 267 29.54 20.34 23.59
C SER A 267 30.08 20.89 22.28
N VAL A 268 30.82 20.06 21.54
CA VAL A 268 31.48 20.51 20.30
C VAL A 268 30.46 20.65 19.16
N LEU A 269 29.41 19.81 19.16
CA LEU A 269 28.32 19.88 18.19
C LEU A 269 27.64 21.24 18.26
N TYR A 270 27.22 21.64 19.46
CA TYR A 270 26.71 23.00 19.70
C TYR A 270 27.84 23.95 19.30
N ASN A 271 27.56 24.87 18.37
CA ASN A 271 28.57 25.79 17.81
C ASN A 271 29.62 25.11 16.91
N SER A 272 29.27 23.98 16.29
CA SER A 272 30.04 23.41 15.18
C SER A 272 29.76 24.24 13.92
N ALA A 273 28.47 24.35 13.59
CA ALA A 273 27.97 25.24 12.54
C ALA A 273 26.92 26.20 13.13
N SER A 274 26.47 27.14 12.31
CA SER A 274 25.46 28.13 12.72
C SER A 274 24.04 27.54 12.58
N PHE A 275 23.54 26.96 13.68
CA PHE A 275 22.23 26.33 13.72
C PHE A 275 21.13 27.33 14.04
N SER A 276 20.07 27.34 13.23
CA SER A 276 18.87 28.12 13.51
C SER A 276 18.06 27.53 14.67
N THR A 277 18.14 26.22 14.86
CA THR A 277 17.38 25.53 15.91
C THR A 277 18.28 24.53 16.64
N PHE A 278 18.13 24.46 17.97
CA PHE A 278 18.72 23.37 18.79
C PHE A 278 17.83 23.03 20.00
N LYS A 279 16.51 23.09 19.81
CA LYS A 279 15.56 22.88 20.90
C LYS A 279 15.53 21.39 21.28
N CYS A 280 15.55 21.10 22.58
CA CYS A 280 15.60 19.73 23.13
C CYS A 280 14.41 19.47 24.06
N TYR A 281 13.92 18.23 24.07
CA TYR A 281 12.70 17.86 24.81
C TYR A 281 12.99 16.67 25.69
N GLY A 282 12.37 16.66 26.88
CA GLY A 282 12.57 15.59 27.86
C GLY A 282 13.85 15.61 28.68
N VAL A 283 14.75 16.56 28.37
CA VAL A 283 16.06 16.67 29.04
C VAL A 283 16.68 18.04 28.73
N SER A 284 17.45 18.56 29.68
CA SER A 284 18.00 19.92 29.60
C SER A 284 19.12 20.05 28.56
N PRO A 285 19.16 21.19 27.81
CA PRO A 285 20.13 21.36 26.71
C PRO A 285 21.58 21.66 27.14
N THR A 286 21.80 21.95 28.42
CA THR A 286 23.16 22.18 28.96
C THR A 286 23.79 20.94 29.61
N LYS A 287 22.99 19.91 29.93
CA LYS A 287 23.49 18.70 30.62
C LYS A 287 23.64 17.49 29.70
N LEU A 288 23.79 17.72 28.38
CA LEU A 288 23.91 16.59 27.42
C LEU A 288 25.16 15.73 27.62
N ASN A 289 26.25 16.38 28.04
CA ASN A 289 27.53 15.70 28.25
C ASN A 289 27.36 14.82 29.49
N ASP A 290 27.00 15.46 30.61
CA ASP A 290 26.70 14.79 31.88
C ASP A 290 25.80 13.55 31.71
N LEU A 291 24.72 13.72 30.95
CA LEU A 291 23.74 12.64 30.74
C LEU A 291 24.29 11.45 29.94
N CYS A 292 23.65 10.30 30.17
CA CYS A 292 23.96 9.02 29.51
C CYS A 292 22.67 8.27 29.20
N PHE A 293 22.58 7.75 27.97
CA PHE A 293 21.34 7.15 27.47
C PHE A 293 21.58 5.91 26.60
N THR A 294 20.47 5.24 26.29
CA THR A 294 20.45 4.00 25.51
C THR A 294 19.70 4.21 24.19
N ASN A 295 20.00 3.34 23.21
CA ASN A 295 19.18 3.17 22.01
C ASN A 295 19.05 4.47 21.18
N VAL A 296 20.16 5.20 21.05
CA VAL A 296 20.15 6.49 20.35
C VAL A 296 19.95 6.31 18.83
N TYR A 297 19.18 7.22 18.24
CA TYR A 297 18.90 7.24 16.82
C TYR A 297 19.01 8.67 16.30
N ALA A 298 19.44 8.80 15.04
CA ALA A 298 19.62 10.11 14.39
C ALA A 298 18.91 10.14 13.04
N ASP A 299 17.80 10.88 12.99
CA ASP A 299 16.92 10.92 11.82
C ASP A 299 17.20 12.21 11.04
N SER A 300 17.72 12.11 9.81
CA SER A 300 18.07 13.29 9.02
C SER A 300 17.19 13.45 7.77
N PHE A 301 16.79 14.69 7.47
CA PHE A 301 15.96 15.01 6.30
C PHE A 301 15.96 16.51 5.95
N VAL A 302 15.26 16.89 4.88
CA VAL A 302 15.15 18.30 4.45
C VAL A 302 13.69 18.74 4.32
N ILE A 303 13.39 19.93 4.85
CA ILE A 303 12.07 20.57 4.74
C ILE A 303 12.20 22.06 4.48
N ARG A 304 11.06 22.71 4.21
CA ARG A 304 11.00 24.18 4.15
C ARG A 304 11.29 24.77 5.52
N GLY A 305 11.66 26.06 5.51
CA GLY A 305 11.95 26.82 6.73
C GLY A 305 10.75 26.95 7.65
N ASP A 306 9.65 27.50 7.14
CA ASP A 306 8.42 27.65 7.95
C ASP A 306 7.81 26.30 8.40
N GLU A 307 8.35 25.21 7.88
CA GLU A 307 7.86 23.86 8.26
C GLU A 307 8.71 23.29 9.40
N VAL A 308 9.82 23.95 9.75
CA VAL A 308 10.67 23.49 10.87
C VAL A 308 9.87 23.44 12.18
N ARG A 309 9.00 24.43 12.37
CA ARG A 309 8.02 24.48 13.47
C ARG A 309 7.35 23.14 13.77
N GLN A 310 7.01 22.41 12.70
CA GLN A 310 6.28 21.15 12.82
C GLN A 310 7.10 20.00 13.38
N ILE A 311 8.42 20.08 13.31
CA ILE A 311 9.28 19.01 13.81
C ILE A 311 9.45 19.18 15.33
N ALA A 312 8.41 18.80 16.06
CA ALA A 312 8.35 18.97 17.51
C ALA A 312 7.06 18.32 18.04
N PRO A 313 7.03 17.93 19.32
CA PRO A 313 5.89 17.16 19.80
C PRO A 313 4.58 17.96 19.81
N GLY A 314 3.45 17.24 19.70
CA GLY A 314 2.11 17.86 19.70
C GLY A 314 1.82 18.86 18.58
N GLN A 315 2.59 18.80 17.49
CA GLN A 315 2.44 19.70 16.36
C GLN A 315 1.65 19.01 15.26
N THR A 316 0.93 19.80 14.46
CA THR A 316 0.27 19.31 13.24
C THR A 316 0.56 20.19 12.03
N GLY A 317 0.25 19.62 10.87
CA GLY A 317 0.52 20.24 9.59
C GLY A 317 0.90 19.19 8.55
N LYS A 318 1.11 19.65 7.33
CA LYS A 318 1.48 18.79 6.20
C LYS A 318 2.60 17.80 6.54
N ILE A 319 3.67 18.27 7.17
CA ILE A 319 4.82 17.41 7.49
C ILE A 319 4.55 16.51 8.67
N ALA A 320 4.07 17.08 9.78
CA ALA A 320 3.77 16.31 10.98
C ALA A 320 2.65 15.28 10.78
N ASP A 321 1.65 15.61 9.97
CA ASP A 321 0.53 14.69 9.72
C ASP A 321 0.90 13.55 8.75
N TYR A 322 1.59 13.87 7.66
CA TYR A 322 1.84 12.92 6.55
C TYR A 322 3.31 12.61 6.19
N ASN A 323 4.29 13.17 6.89
CA ASN A 323 5.70 12.89 6.55
C ASN A 323 6.59 12.42 7.70
N TYR A 324 6.61 13.12 8.83
CA TYR A 324 7.46 12.76 9.99
C TYR A 324 6.85 13.23 11.31
N LYS A 325 6.38 12.31 12.14
CA LYS A 325 5.60 12.64 13.35
C LYS A 325 6.35 12.27 14.62
N LEU A 326 6.62 13.26 15.47
CA LEU A 326 7.24 13.02 16.79
C LEU A 326 6.16 12.78 17.82
N PRO A 327 6.34 11.75 18.67
CA PRO A 327 5.31 11.46 19.67
C PRO A 327 5.20 12.57 20.71
N ASP A 328 4.09 12.59 21.43
CA ASP A 328 3.89 13.62 22.46
C ASP A 328 4.88 13.45 23.61
N ASP A 329 5.03 12.20 24.09
CA ASP A 329 6.06 11.84 25.07
C ASP A 329 7.44 11.61 24.42
N PHE A 330 8.00 12.65 23.80
CA PHE A 330 9.25 12.55 23.06
C PHE A 330 10.40 12.93 23.97
N THR A 331 11.53 12.25 23.80
CA THR A 331 12.75 12.52 24.55
C THR A 331 13.96 12.63 23.61
N GLY A 332 14.35 13.85 23.27
CA GLY A 332 15.43 14.05 22.29
C GLY A 332 15.75 15.50 21.95
N CYS A 333 16.46 15.67 20.84
CA CYS A 333 16.91 17.00 20.37
C CYS A 333 16.70 17.16 18.86
N VAL A 334 16.16 18.33 18.48
CA VAL A 334 15.87 18.69 17.09
C VAL A 334 16.85 19.78 16.69
N ILE A 335 17.70 19.50 15.70
CA ILE A 335 18.73 20.42 15.24
C ILE A 335 18.55 20.68 13.75
N ALA A 336 18.56 21.95 13.36
CA ALA A 336 18.24 22.34 11.98
C ALA A 336 19.03 23.56 11.54
N TRP A 337 19.50 23.55 10.29
CA TRP A 337 20.23 24.69 9.71
C TRP A 337 19.87 25.02 8.27
N ASN A 338 19.91 26.32 7.96
CA ASN A 338 19.67 26.83 6.62
C ASN A 338 20.71 26.26 5.68
N SER A 339 20.24 25.86 4.50
CA SER A 339 21.01 25.04 3.57
C SER A 339 21.08 25.63 2.17
N ASN A 340 20.68 26.89 2.02
CA ASN A 340 20.39 27.49 0.70
C ASN A 340 21.59 27.46 -0.27
N ASN A 341 22.80 27.62 0.28
CA ASN A 341 24.05 27.53 -0.51
C ASN A 341 24.39 26.11 -0.98
N LEU A 342 23.97 25.09 -0.24
CA LEU A 342 24.30 23.69 -0.57
C LEU A 342 23.17 22.94 -1.32
N ASP A 343 21.90 23.30 -1.08
CA ASP A 343 20.76 22.55 -1.67
C ASP A 343 20.14 23.19 -2.90
N SER A 344 19.77 24.47 -2.83
CA SER A 344 19.17 25.14 -4.00
C SER A 344 20.15 25.25 -5.20
N LYS A 345 19.63 25.66 -6.34
CA LYS A 345 20.43 25.89 -7.57
C LYS A 345 19.58 26.70 -8.54
N VAL A 346 20.14 27.11 -9.68
CA VAL A 346 19.53 28.20 -10.49
C VAL A 346 18.13 27.83 -11.03
N GLY A 347 18.05 26.70 -11.74
CA GLY A 347 16.76 26.17 -12.23
C GLY A 347 15.83 25.79 -11.09
N GLY A 348 16.39 25.11 -10.09
CA GLY A 348 15.69 24.70 -8.87
C GLY A 348 16.19 23.34 -8.44
N ASN A 349 15.93 22.95 -7.18
CA ASN A 349 16.17 21.57 -6.76
C ASN A 349 14.84 20.91 -6.38
N TYR A 350 14.29 20.21 -7.36
CA TYR A 350 13.01 19.55 -7.21
C TYR A 350 13.19 18.12 -6.71
N ASN A 351 14.44 17.72 -6.46
CA ASN A 351 14.73 16.39 -5.91
C ASN A 351 14.13 16.16 -4.52
N TYR A 352 14.01 17.21 -3.71
CA TYR A 352 13.43 17.06 -2.38
C TYR A 352 11.90 17.04 -2.41
N LEU A 353 11.33 15.88 -2.13
CA LEU A 353 9.87 15.65 -2.17
C LEU A 353 9.23 15.65 -0.79
N TYR A 354 7.92 15.88 -0.77
CA TYR A 354 7.07 15.69 0.43
C TYR A 354 5.75 15.02 0.04
N ARG A 355 5.18 14.25 0.96
CA ARG A 355 3.87 13.64 0.74
C ARG A 355 2.77 14.67 1.02
N LEU A 356 1.86 14.82 0.06
CA LEU A 356 0.80 15.83 0.11
C LEU A 356 -0.54 15.25 0.52
N PHE A 357 -0.94 14.15 -0.13
CA PHE A 357 -2.21 13.46 0.21
C PHE A 357 -1.94 12.12 0.87
N ARG A 358 -2.75 11.80 1.89
CA ARG A 358 -2.71 10.49 2.54
C ARG A 358 -4.09 10.19 3.13
N LYS A 359 -4.39 8.90 3.30
CA LYS A 359 -5.68 8.45 3.85
C LYS A 359 -5.83 8.69 5.34
N SER A 360 -4.70 8.73 6.05
CA SER A 360 -4.68 8.83 7.50
C SER A 360 -3.40 9.50 7.93
N ASN A 361 -3.37 9.98 9.16
CA ASN A 361 -2.16 10.58 9.69
C ASN A 361 -1.19 9.49 10.08
N LEU A 362 0.10 9.81 9.98
CA LEU A 362 1.15 8.89 10.40
C LEU A 362 1.10 8.71 11.91
N LYS A 363 1.45 7.49 12.34
CA LYS A 363 1.74 7.19 13.74
C LYS A 363 3.13 7.74 14.07
N PRO A 364 3.46 7.89 15.37
CA PRO A 364 4.76 8.47 15.67
C PRO A 364 5.93 7.59 15.20
N PHE A 365 6.91 8.21 14.54
CA PHE A 365 8.09 7.53 13.96
C PHE A 365 7.77 6.50 12.85
N GLU A 366 6.62 6.67 12.18
CA GLU A 366 6.26 5.84 11.03
C GLU A 366 6.93 6.46 9.80
N ARG A 367 7.23 5.61 8.82
CA ARG A 367 7.75 6.03 7.51
C ARG A 367 6.83 5.42 6.46
N ASP A 368 6.38 6.24 5.51
CA ASP A 368 5.61 5.76 4.35
C ASP A 368 6.36 6.17 3.08
N ILE A 369 6.76 5.15 2.32
CA ILE A 369 7.49 5.34 1.05
C ILE A 369 6.63 5.01 -0.18
N SER A 370 5.36 4.68 0.02
CA SER A 370 4.48 4.23 -1.09
C SER A 370 4.32 5.31 -2.17
N THR A 371 4.22 4.87 -3.42
CA THR A 371 3.90 5.76 -4.54
C THR A 371 2.64 5.28 -5.25
N GLU A 372 1.70 4.72 -4.48
CA GLU A 372 0.42 4.27 -5.04
C GLU A 372 -0.47 5.49 -5.23
N ILE A 373 -1.22 5.49 -6.34
CA ILE A 373 -2.15 6.56 -6.68
C ILE A 373 -3.11 6.80 -5.53
N TYR A 374 -3.20 8.05 -5.07
CA TYR A 374 -4.16 8.42 -4.04
C TYR A 374 -5.56 8.53 -4.64
N GLN A 375 -6.51 7.84 -4.03
CA GLN A 375 -7.88 7.81 -4.53
C GLN A 375 -8.71 8.82 -3.76
N ALA A 376 -9.05 9.91 -4.43
CA ALA A 376 -9.80 11.00 -3.80
C ALA A 376 -11.30 10.78 -3.77
N GLY A 377 -11.82 9.96 -4.68
CA GLY A 377 -13.26 9.77 -4.85
C GLY A 377 -13.79 8.43 -4.36
N SER A 378 -14.93 8.02 -4.92
CA SER A 378 -15.53 6.72 -4.62
C SER A 378 -15.25 5.67 -5.71
N THR A 379 -14.97 6.11 -6.95
CA THR A 379 -14.53 5.19 -7.99
C THR A 379 -13.08 4.80 -7.72
N PRO A 380 -12.69 3.55 -8.04
CA PRO A 380 -11.28 3.16 -8.00
C PRO A 380 -10.49 3.77 -9.15
N CYS A 381 -9.16 3.85 -8.99
CA CYS A 381 -8.29 4.56 -9.94
C CYS A 381 -7.71 3.70 -11.05
N ASN A 382 -7.44 2.43 -10.73
CA ASN A 382 -6.97 1.44 -11.71
C ASN A 382 -5.68 1.86 -12.37
N GLY A 383 -4.70 2.21 -11.55
CA GLY A 383 -3.36 2.55 -11.99
C GLY A 383 -3.22 3.64 -13.03
N VAL A 384 -4.22 4.50 -13.17
CA VAL A 384 -4.20 5.59 -14.13
C VAL A 384 -4.61 6.89 -13.43
N GLU A 385 -3.78 7.91 -13.58
CA GLU A 385 -4.02 9.21 -12.96
C GLU A 385 -4.97 10.04 -13.80
N GLY A 386 -5.74 10.88 -13.11
CA GLY A 386 -6.72 11.78 -13.73
C GLY A 386 -7.48 12.52 -12.64
N PHE A 387 -8.76 12.81 -12.88
CA PHE A 387 -9.59 13.44 -11.85
C PHE A 387 -9.89 12.47 -10.71
N ASN A 388 -9.79 12.98 -9.48
CA ASN A 388 -9.88 12.18 -8.24
C ASN A 388 -8.84 11.06 -8.11
N CYS A 389 -7.75 11.14 -8.88
CA CYS A 389 -6.73 10.08 -8.92
C CYS A 389 -5.33 10.69 -9.08
N TYR A 390 -4.67 10.92 -7.95
CA TYR A 390 -3.51 11.81 -7.88
C TYR A 390 -2.27 11.11 -7.35
N PHE A 391 -1.11 11.53 -7.83
CA PHE A 391 0.17 11.08 -7.28
C PHE A 391 0.36 11.74 -5.90
N PRO A 392 0.73 10.95 -4.87
CA PRO A 392 0.78 11.50 -3.50
C PRO A 392 1.99 12.38 -3.13
N LEU A 393 3.09 12.31 -3.90
CA LEU A 393 4.26 13.12 -3.63
C LEU A 393 4.34 14.38 -4.49
N GLN A 394 5.10 15.35 -4.01
CA GLN A 394 5.34 16.58 -4.75
C GLN A 394 6.70 17.19 -4.38
N SER A 395 7.33 17.79 -5.38
CA SER A 395 8.70 18.32 -5.21
C SER A 395 8.69 19.65 -4.49
N TYR A 396 9.63 19.82 -3.58
CA TYR A 396 9.81 21.14 -2.93
C TYR A 396 10.56 21.96 -3.98
N GLY A 397 10.09 23.17 -4.28
CA GLY A 397 10.82 23.98 -5.28
C GLY A 397 11.85 24.82 -4.57
N PHE A 398 13.13 24.69 -4.93
CA PHE A 398 14.17 25.42 -4.17
C PHE A 398 15.10 26.24 -5.07
N GLN A 399 14.58 27.29 -5.69
CA GLN A 399 15.44 28.25 -6.42
C GLN A 399 16.03 29.15 -5.31
N PRO A 400 17.36 29.82 -5.42
CA PRO A 400 18.16 30.70 -4.54
C PRO A 400 17.51 32.06 -4.25
N THR A 401 16.76 32.59 -5.21
CA THR A 401 15.95 33.81 -5.03
C THR A 401 14.90 33.71 -3.89
N ASN A 402 14.45 32.51 -3.55
CA ASN A 402 13.34 32.32 -2.59
C ASN A 402 13.59 32.92 -1.22
N GLY A 403 12.52 33.37 -0.56
CA GLY A 403 12.58 33.94 0.79
C GLY A 403 12.92 32.89 1.84
N VAL A 404 13.19 33.35 3.05
CA VAL A 404 13.66 32.49 4.15
C VAL A 404 12.63 31.40 4.52
N GLY A 405 11.34 31.75 4.45
CA GLY A 405 10.25 30.80 4.68
C GLY A 405 10.30 29.58 3.77
N TYR A 406 10.47 29.82 2.46
CA TYR A 406 10.52 28.76 1.44
C TYR A 406 11.96 28.36 1.07
N GLN A 407 12.85 28.26 2.05
CA GLN A 407 14.23 27.85 1.79
C GLN A 407 14.51 26.48 2.43
N PRO A 408 15.54 25.76 1.93
CA PRO A 408 15.86 24.44 2.48
C PRO A 408 16.47 24.47 3.88
N TYR A 409 16.05 23.55 4.74
CA TYR A 409 16.57 23.41 6.09
C TYR A 409 16.84 21.94 6.40
N ARG A 410 18.12 21.58 6.49
CA ARG A 410 18.52 20.22 6.84
C ARG A 410 18.28 20.02 8.32
N VAL A 411 17.51 19.00 8.68
CA VAL A 411 17.07 18.77 10.06
C VAL A 411 17.55 17.40 10.52
N VAL A 412 18.26 17.37 11.65
CA VAL A 412 18.61 16.11 12.31
C VAL A 412 17.86 16.03 13.63
N VAL A 413 17.21 14.90 13.87
CA VAL A 413 16.42 14.70 15.06
C VAL A 413 17.06 13.56 15.84
N LEU A 414 17.68 13.91 16.97
CA LEU A 414 18.31 12.93 17.85
C LEU A 414 17.28 12.41 18.84
N SER A 415 17.13 11.10 18.89
CA SER A 415 16.10 10.42 19.67
C SER A 415 16.79 9.60 20.74
N PHE A 416 16.52 9.89 22.01
CA PHE A 416 17.16 9.18 23.15
C PHE A 416 16.19 8.26 23.89
N GLU A 417 16.75 7.27 24.59
CA GLU A 417 16.00 6.50 25.59
C GLU A 417 16.66 6.73 26.96
N LEU A 418 15.92 7.34 27.89
CA LEU A 418 16.45 7.70 29.22
C LEU A 418 16.85 6.49 30.03
N LEU A 419 18.07 6.55 30.56
CA LEU A 419 18.64 5.47 31.35
C LEU A 419 17.92 5.35 32.70
N HIS A 420 17.94 4.14 33.26
CA HIS A 420 17.27 3.82 34.53
C HIS A 420 15.81 4.29 34.53
N ALA A 421 15.06 3.85 33.52
CA ALA A 421 13.63 4.14 33.43
C ALA A 421 12.88 3.34 34.51
N PRO A 422 11.73 3.87 34.98
CA PRO A 422 10.95 3.12 35.97
C PRO A 422 10.43 1.77 35.46
N ALA A 423 10.20 0.86 36.39
CA ALA A 423 9.52 -0.42 36.11
C ALA A 423 8.05 -0.12 35.93
N THR A 424 7.37 -0.93 35.10
CA THR A 424 5.94 -0.76 34.83
C THR A 424 5.09 -2.00 35.12
N VAL A 425 5.65 -3.19 34.91
CA VAL A 425 4.95 -4.46 35.17
C VAL A 425 5.86 -5.35 36.01
N CYS A 426 5.31 -5.91 37.07
CA CYS A 426 6.07 -6.72 38.02
C CYS A 426 5.34 -7.99 38.39
N GLY A 427 6.08 -8.91 39.00
CA GLY A 427 5.50 -10.11 39.58
C GLY A 427 5.24 -9.90 41.06
N PRO A 428 4.45 -10.80 41.68
CA PRO A 428 4.04 -10.66 43.09
C PRO A 428 5.21 -10.55 44.07
N LYS A 429 6.28 -11.30 43.79
CA LYS A 429 7.45 -11.37 44.68
C LYS A 429 8.33 -10.11 44.60
N LYS A 430 8.34 -9.43 43.45
CA LYS A 430 9.07 -8.14 43.25
C LYS A 430 10.55 -8.21 43.61
N GLN B 1 24.30 -9.04 0.89
CA GLN B 1 24.54 -9.33 -0.56
C GLN B 1 24.70 -10.83 -0.83
N VAL B 2 23.75 -11.43 -1.55
CA VAL B 2 23.75 -12.86 -1.87
C VAL B 2 24.45 -13.10 -3.21
N GLN B 3 25.21 -14.19 -3.29
CA GLN B 3 25.96 -14.58 -4.51
C GLN B 3 25.45 -15.94 -4.98
N LEU B 4 25.17 -16.07 -6.28
CA LEU B 4 24.57 -17.28 -6.86
C LEU B 4 25.47 -17.83 -7.95
N VAL B 5 25.66 -19.15 -7.95
CA VAL B 5 26.61 -19.81 -8.85
C VAL B 5 25.93 -21.00 -9.52
N GLU B 6 25.69 -20.94 -10.83
CA GLU B 6 25.07 -22.04 -11.56
C GLU B 6 26.08 -23.05 -12.05
N SER B 7 25.59 -24.27 -12.27
CA SER B 7 26.37 -25.32 -12.88
C SER B 7 25.45 -26.35 -13.52
N GLY B 8 26.05 -27.30 -14.24
CA GLY B 8 25.32 -28.44 -14.79
C GLY B 8 24.87 -28.33 -16.25
N GLY B 9 25.04 -27.15 -16.85
CA GLY B 9 24.61 -26.93 -18.24
C GLY B 9 25.61 -27.42 -19.27
N GLY B 10 25.11 -28.09 -20.31
CA GLY B 10 25.96 -28.66 -21.37
C GLY B 10 25.24 -28.86 -22.68
N LEU B 11 25.67 -29.87 -23.44
CA LEU B 11 25.00 -30.29 -24.68
C LEU B 11 24.19 -31.53 -24.33
N VAL B 12 22.97 -31.62 -24.87
CA VAL B 12 22.11 -32.81 -24.71
C VAL B 12 21.51 -33.21 -26.06
N GLN B 13 21.22 -34.49 -26.20
CA GLN B 13 20.46 -35.00 -27.34
C GLN B 13 18.97 -34.82 -27.07
N ALA B 14 18.17 -34.73 -28.13
CA ALA B 14 16.71 -34.61 -27.99
C ALA B 14 16.11 -35.82 -27.29
N GLY B 15 15.02 -35.58 -26.55
CA GLY B 15 14.43 -36.59 -25.65
C GLY B 15 15.23 -36.86 -24.39
N GLY B 16 16.32 -36.10 -24.16
CA GLY B 16 17.25 -36.34 -23.06
C GLY B 16 16.94 -35.53 -21.82
N SER B 17 17.83 -35.63 -20.84
CA SER B 17 17.69 -34.95 -19.55
C SER B 17 18.89 -34.08 -19.22
N LEU B 18 18.69 -33.19 -18.26
CA LEU B 18 19.77 -32.42 -17.65
C LEU B 18 19.34 -32.00 -16.26
N ARG B 19 20.32 -31.74 -15.40
CA ARG B 19 20.07 -31.26 -14.06
C ARG B 19 20.98 -30.07 -13.80
N LEU B 20 20.39 -28.87 -13.72
CA LEU B 20 21.12 -27.66 -13.38
C LEU B 20 21.11 -27.47 -11.87
N SER B 21 22.14 -26.80 -11.34
CA SER B 21 22.29 -26.60 -9.90
C SER B 21 22.75 -25.18 -9.59
N CYS B 22 22.17 -24.59 -8.54
CA CYS B 22 22.47 -23.23 -8.13
C CYS B 22 22.85 -23.21 -6.65
N ALA B 23 24.08 -22.82 -6.37
CA ALA B 23 24.59 -22.71 -5.00
C ALA B 23 24.61 -21.24 -4.59
N ALA B 24 24.16 -20.95 -3.37
CA ALA B 24 24.02 -19.58 -2.87
C ALA B 24 24.87 -19.28 -1.62
N SER B 25 25.19 -18.00 -1.41
CA SER B 25 25.88 -17.55 -0.18
C SER B 25 25.08 -17.93 1.06
N GLY B 26 23.87 -17.38 1.19
CA GLY B 26 23.03 -17.63 2.35
C GLY B 26 21.86 -16.68 2.47
N ARG B 27 20.81 -17.13 3.14
CA ARG B 27 19.58 -16.36 3.30
C ARG B 27 18.98 -16.21 1.89
N THR B 28 18.39 -17.31 1.39
CA THR B 28 17.94 -17.38 0.00
C THR B 28 16.52 -16.84 -0.21
N TYR B 29 15.58 -17.26 0.64
CA TYR B 29 14.13 -16.95 0.51
C TYR B 29 13.47 -17.45 -0.79
N THR B 30 12.95 -16.59 -1.66
CA THR B 30 12.39 -17.06 -2.94
C THR B 30 13.53 -17.24 -3.92
N MET B 31 13.51 -18.37 -4.64
CA MET B 31 14.50 -18.69 -5.67
C MET B 31 13.83 -19.26 -6.89
N GLY B 32 14.29 -18.83 -8.06
CA GLY B 32 13.69 -19.25 -9.33
C GLY B 32 14.64 -19.30 -10.50
N TRP B 33 14.13 -19.81 -11.61
CA TRP B 33 14.89 -20.02 -12.83
C TRP B 33 14.25 -19.29 -14.00
N PHE B 34 15.09 -18.61 -14.76
CA PHE B 34 14.72 -17.99 -16.03
C PHE B 34 15.57 -18.58 -17.14
N ARG B 35 15.20 -18.33 -18.39
CA ARG B 35 16.03 -18.71 -19.54
C ARG B 35 15.97 -17.65 -20.61
N GLN B 36 17.06 -17.53 -21.37
CA GLN B 36 17.17 -16.50 -22.39
C GLN B 36 17.77 -17.06 -23.68
N ALA B 37 16.96 -17.07 -24.73
CA ALA B 37 17.44 -17.40 -26.07
C ALA B 37 18.27 -16.22 -26.61
N PRO B 38 19.10 -16.47 -27.65
CA PRO B 38 19.89 -15.37 -28.23
C PRO B 38 19.02 -14.24 -28.83
N GLY B 39 19.33 -12.99 -28.47
CA GLY B 39 18.59 -11.81 -28.94
C GLY B 39 17.10 -11.76 -28.60
N LYS B 40 16.73 -12.42 -27.50
CA LYS B 40 15.34 -12.51 -27.01
C LYS B 40 15.35 -12.16 -25.52
N GLU B 41 14.21 -11.74 -24.97
CA GLU B 41 14.14 -11.37 -23.53
C GLU B 41 14.18 -12.61 -22.63
N ARG B 42 14.32 -12.40 -21.31
CA ARG B 42 14.25 -13.52 -20.36
C ARG B 42 12.83 -14.05 -20.24
N GLU B 43 12.73 -15.28 -19.75
CA GLU B 43 11.49 -16.03 -19.74
C GLU B 43 11.48 -16.79 -18.42
N PHE B 44 10.51 -16.50 -17.56
CA PHE B 44 10.34 -17.24 -16.32
C PHE B 44 10.15 -18.72 -16.65
N VAL B 45 10.84 -19.59 -15.91
CA VAL B 45 10.74 -21.04 -16.06
C VAL B 45 10.04 -21.66 -14.87
N ALA B 46 10.60 -21.44 -13.69
CA ALA B 46 10.03 -21.99 -12.46
C ALA B 46 10.62 -21.33 -11.22
N ALA B 47 9.92 -21.46 -10.11
CA ALA B 47 10.42 -20.92 -8.84
C ALA B 47 9.78 -21.60 -7.64
N MET B 48 10.41 -21.42 -6.48
CA MET B 48 9.89 -22.00 -5.24
C MET B 48 10.12 -21.13 -4.00
N ARG B 49 9.18 -21.25 -3.06
CA ARG B 49 9.26 -20.59 -1.76
C ARG B 49 8.52 -21.43 -0.74
N TRP B 50 9.09 -21.58 0.46
CA TRP B 50 8.57 -22.43 1.56
C TRP B 50 7.93 -23.75 1.08
N SER B 51 8.64 -24.50 0.24
CA SER B 51 8.14 -25.80 -0.24
C SER B 51 6.91 -25.74 -1.18
N ASP B 52 6.51 -24.54 -1.63
CA ASP B 52 5.51 -24.39 -2.69
C ASP B 52 6.28 -24.10 -3.96
N THR B 53 5.84 -24.67 -5.07
CA THR B 53 6.48 -24.43 -6.35
C THR B 53 5.58 -23.62 -7.26
N ASP B 54 6.19 -23.13 -8.33
CA ASP B 54 5.51 -22.39 -9.36
C ASP B 54 6.28 -22.65 -10.64
N TYR B 55 5.62 -23.22 -11.64
CA TYR B 55 6.22 -23.45 -12.95
C TYR B 55 5.45 -22.65 -14.03
N ALA B 56 6.11 -22.38 -15.16
CA ALA B 56 5.47 -21.81 -16.33
C ALA B 56 4.62 -22.91 -16.97
N ASP B 57 3.46 -22.55 -17.50
CA ASP B 57 2.44 -23.54 -17.86
C ASP B 57 2.87 -24.50 -18.98
N SER B 58 3.64 -23.99 -19.95
CA SER B 58 4.07 -24.84 -21.07
C SER B 58 4.93 -26.03 -20.61
N LEU B 59 5.75 -25.84 -19.59
CA LEU B 59 6.85 -26.76 -19.26
C LEU B 59 6.76 -27.36 -17.85
N LYS B 60 5.56 -27.45 -17.28
CA LYS B 60 5.38 -27.84 -15.88
C LYS B 60 5.66 -29.32 -15.60
N GLY B 61 5.16 -30.19 -16.48
CA GLY B 61 5.33 -31.63 -16.33
C GLY B 61 6.75 -32.12 -16.54
N ARG B 62 7.48 -31.44 -17.43
CA ARG B 62 8.83 -31.86 -17.82
C ARG B 62 9.86 -31.44 -16.77
N PHE B 63 9.79 -30.20 -16.33
CA PHE B 63 10.76 -29.61 -15.39
C PHE B 63 10.37 -29.85 -13.93
N THR B 64 11.36 -30.00 -13.07
CA THR B 64 11.15 -30.21 -11.64
C THR B 64 12.18 -29.44 -10.82
N ILE B 65 11.67 -28.51 -10.01
CA ILE B 65 12.45 -27.63 -9.17
C ILE B 65 12.52 -28.27 -7.77
N SER B 66 13.66 -28.15 -7.10
CA SER B 66 13.82 -28.72 -5.75
C SER B 66 14.98 -28.05 -5.01
N ARG B 67 15.00 -28.21 -3.69
CA ARG B 67 16.03 -27.61 -2.84
C ARG B 67 16.65 -28.65 -1.90
N ASP B 68 17.98 -28.59 -1.78
CA ASP B 68 18.73 -29.29 -0.73
C ASP B 68 19.06 -28.25 0.35
N ASN B 69 18.27 -28.24 1.43
CA ASN B 69 18.36 -27.17 2.44
C ASN B 69 19.69 -27.15 3.19
N ALA B 70 20.23 -28.33 3.51
CA ALA B 70 21.52 -28.45 4.16
C ALA B 70 22.69 -27.86 3.36
N ASN B 71 22.65 -27.98 2.03
CA ASN B 71 23.71 -27.47 1.15
C ASN B 71 23.53 -25.99 0.79
N ASN B 72 22.31 -25.46 0.99
CA ASN B 72 21.91 -24.10 0.57
C ASN B 72 21.92 -23.94 -0.96
N ALA B 73 21.49 -25.01 -1.65
CA ALA B 73 21.49 -25.06 -3.10
C ALA B 73 20.18 -25.64 -3.62
N MET B 74 19.79 -25.19 -4.82
CA MET B 74 18.58 -25.67 -5.48
C MET B 74 18.94 -26.32 -6.81
N TYR B 75 18.04 -27.17 -7.30
CA TYR B 75 18.22 -27.88 -8.57
C TYR B 75 17.02 -27.69 -9.48
N LEU B 76 17.25 -27.85 -10.79
CA LEU B 76 16.19 -27.89 -11.79
C LEU B 76 16.39 -29.12 -12.66
N GLN B 77 15.43 -30.05 -12.62
CA GLN B 77 15.48 -31.28 -13.40
C GLN B 77 14.65 -31.12 -14.69
N MET B 78 15.34 -30.86 -15.80
CA MET B 78 14.71 -30.71 -17.12
C MET B 78 14.69 -32.07 -17.85
N ASN B 79 13.49 -32.54 -18.21
CA ASN B 79 13.32 -33.83 -18.91
C ASN B 79 12.72 -33.64 -20.29
N SER B 80 12.83 -34.67 -21.12
CA SER B 80 12.24 -34.69 -22.47
C SER B 80 12.55 -33.43 -23.28
N LEU B 81 13.81 -33.03 -23.25
CA LEU B 81 14.26 -31.77 -23.88
C LEU B 81 14.07 -31.72 -25.40
N GLY B 82 13.77 -30.53 -25.91
CA GLY B 82 13.60 -30.31 -27.35
C GLY B 82 14.43 -29.12 -27.80
N PRO B 83 14.34 -28.75 -29.08
CA PRO B 83 15.08 -27.58 -29.59
C PRO B 83 14.65 -26.22 -29.02
N GLU B 84 13.38 -26.08 -28.64
CA GLU B 84 12.87 -24.84 -28.00
C GLU B 84 13.44 -24.56 -26.59
N ASP B 85 14.00 -25.58 -25.93
CA ASP B 85 14.65 -25.42 -24.63
C ASP B 85 16.07 -24.82 -24.67
N THR B 86 16.60 -24.55 -25.87
CA THR B 86 17.99 -24.08 -26.02
C THR B 86 18.11 -22.62 -25.65
N ALA B 87 18.83 -22.36 -24.56
CA ALA B 87 19.00 -21.01 -24.05
C ALA B 87 20.05 -20.99 -22.95
N VAL B 88 20.38 -19.78 -22.50
CA VAL B 88 21.18 -19.56 -21.31
C VAL B 88 20.19 -19.52 -20.15
N TYR B 89 20.37 -20.42 -19.17
CA TYR B 89 19.49 -20.52 -18.02
C TYR B 89 20.09 -19.78 -16.83
N TYR B 90 19.33 -18.83 -16.29
CA TYR B 90 19.74 -18.06 -15.12
C TYR B 90 18.98 -18.47 -13.87
N CYS B 91 19.67 -18.37 -12.74
CA CYS B 91 19.16 -18.68 -11.43
C CYS B 91 19.04 -17.34 -10.70
N ALA B 92 17.93 -17.12 -10.01
CA ALA B 92 17.72 -15.84 -9.32
C ALA B 92 17.10 -16.00 -7.93
N ALA B 93 17.25 -14.94 -7.13
CA ALA B 93 16.78 -14.92 -5.73
C ALA B 93 16.18 -13.58 -5.33
N GLY B 94 15.17 -13.63 -4.46
CA GLY B 94 14.43 -12.44 -4.01
C GLY B 94 13.53 -12.76 -2.84
N GLU B 95 12.72 -11.78 -2.42
CA GLU B 95 11.81 -11.94 -1.26
C GLU B 95 10.32 -11.98 -1.60
N ALA B 96 9.97 -11.90 -2.88
CA ALA B 96 8.55 -11.86 -3.25
C ALA B 96 8.06 -13.24 -3.66
N TRP B 97 6.85 -13.60 -3.27
CA TRP B 97 6.26 -14.90 -3.71
C TRP B 97 5.39 -14.59 -4.93
N LEU B 98 5.22 -15.58 -5.80
CA LEU B 98 4.61 -15.50 -7.13
C LEU B 98 5.44 -14.50 -7.92
N ALA B 99 6.74 -14.75 -7.93
CA ALA B 99 7.73 -13.97 -8.70
C ALA B 99 7.84 -14.61 -10.08
N ARG B 100 7.15 -14.06 -11.06
CA ARG B 100 7.14 -14.58 -12.43
C ARG B 100 7.78 -13.61 -13.43
N SER B 101 8.57 -12.67 -12.93
CA SER B 101 9.23 -11.69 -13.78
C SER B 101 10.51 -11.20 -13.15
N THR B 102 11.36 -10.68 -14.02
CA THR B 102 12.65 -10.10 -13.68
C THR B 102 12.62 -9.17 -12.49
N HIS B 103 11.68 -8.22 -12.48
CA HIS B 103 11.61 -7.19 -11.45
C HIS B 103 11.47 -7.77 -10.02
N HIS B 104 10.84 -8.92 -9.89
CA HIS B 104 10.59 -9.54 -8.58
C HIS B 104 11.82 -10.10 -7.84
N TYR B 105 12.95 -10.20 -8.54
CA TYR B 105 14.18 -10.76 -8.00
C TYR B 105 15.27 -9.72 -7.86
N ASP B 106 16.11 -9.89 -6.84
CA ASP B 106 17.22 -8.98 -6.52
C ASP B 106 18.62 -9.50 -6.95
N TYR B 107 18.84 -10.81 -6.89
CA TYR B 107 20.15 -11.41 -7.13
C TYR B 107 20.11 -12.42 -8.26
N TRP B 108 21.14 -12.39 -9.10
CA TRP B 108 21.18 -13.20 -10.33
C TRP B 108 22.50 -13.97 -10.45
N GLY B 109 22.43 -15.16 -11.04
CA GLY B 109 23.62 -15.95 -11.34
C GLY B 109 24.31 -15.54 -12.64
N GLN B 110 25.39 -16.25 -12.99
CA GLN B 110 26.23 -15.93 -14.16
C GLN B 110 25.58 -16.38 -15.45
N GLY B 111 25.10 -17.62 -15.45
CA GLY B 111 24.24 -18.11 -16.52
C GLY B 111 24.87 -19.27 -17.23
N THR B 112 24.39 -20.48 -16.93
CA THR B 112 24.87 -21.69 -17.60
C THR B 112 24.15 -21.87 -18.96
N GLN B 113 24.92 -22.22 -20.00
CA GLN B 113 24.38 -22.45 -21.34
C GLN B 113 23.82 -23.87 -21.44
N VAL B 114 22.72 -24.02 -22.17
CA VAL B 114 22.16 -25.33 -22.52
C VAL B 114 21.83 -25.33 -24.01
N THR B 115 22.20 -26.41 -24.69
CA THR B 115 21.99 -26.56 -26.12
C THR B 115 21.50 -27.99 -26.40
N VAL B 116 20.61 -28.13 -27.37
CA VAL B 116 19.78 -29.33 -27.56
C VAL B 116 19.60 -29.54 -29.06
N SER B 117 20.22 -30.60 -29.58
CA SER B 117 20.18 -30.94 -31.00
C SER B 117 19.27 -32.15 -31.21
N SER B 118 18.55 -32.18 -32.33
CA SER B 118 17.52 -33.21 -32.64
C SER B 118 17.97 -34.26 -33.66
N GLN B 134 24.56 15.49 -17.55
CA GLN B 134 23.95 15.81 -18.84
C GLN B 134 23.16 14.61 -19.38
N LEU B 135 21.82 14.72 -19.39
CA LEU B 135 20.95 13.60 -19.71
C LEU B 135 20.65 13.50 -21.22
N GLN B 136 20.95 12.34 -21.81
CA GLN B 136 20.67 12.04 -23.22
C GLN B 136 19.54 11.01 -23.31
N LEU B 137 18.59 11.25 -24.19
CA LEU B 137 17.46 10.34 -24.43
C LEU B 137 17.51 9.88 -25.88
N VAL B 138 17.54 8.57 -26.10
CA VAL B 138 17.67 7.99 -27.45
C VAL B 138 16.44 7.15 -27.83
N GLU B 139 15.73 7.59 -28.86
CA GLU B 139 14.51 6.93 -29.33
C GLU B 139 14.77 5.89 -30.39
N SER B 140 13.89 4.90 -30.45
CA SER B 140 13.94 3.87 -31.47
C SER B 140 12.60 3.14 -31.58
N GLY B 141 12.36 2.54 -32.74
CA GLY B 141 11.20 1.68 -32.96
C GLY B 141 10.09 2.24 -33.84
N GLY B 142 10.30 3.41 -34.43
CA GLY B 142 9.29 4.03 -35.31
C GLY B 142 9.15 3.34 -36.65
N GLY B 143 8.59 4.05 -37.63
CA GLY B 143 8.57 3.57 -39.02
C GLY B 143 7.22 3.60 -39.70
N LEU B 144 7.10 2.80 -40.74
CA LEU B 144 5.88 2.70 -41.52
C LEU B 144 5.09 1.47 -41.06
N VAL B 145 3.77 1.58 -41.07
CA VAL B 145 2.88 0.50 -40.64
C VAL B 145 1.52 0.63 -41.30
N GLN B 146 0.86 -0.50 -41.53
CA GLN B 146 -0.49 -0.49 -42.11
C GLN B 146 -1.50 -0.01 -41.07
N ALA B 147 -2.59 0.59 -41.52
CA ALA B 147 -3.67 0.96 -40.60
C ALA B 147 -4.23 -0.28 -39.88
N GLY B 148 -4.55 -0.11 -38.60
CA GLY B 148 -4.92 -1.23 -37.73
C GLY B 148 -3.73 -1.86 -37.01
N GLY B 149 -2.53 -1.70 -37.56
CA GLY B 149 -1.33 -2.27 -36.98
C GLY B 149 -0.85 -1.56 -35.72
N SER B 150 0.21 -2.12 -35.16
CA SER B 150 0.80 -1.63 -33.91
C SER B 150 2.26 -1.23 -34.10
N LEU B 151 2.83 -0.62 -33.07
CA LEU B 151 4.22 -0.17 -33.07
C LEU B 151 4.68 0.10 -31.65
N ARG B 152 5.91 -0.29 -31.33
CA ARG B 152 6.47 -0.06 -30.01
C ARG B 152 7.67 0.87 -30.07
N LEU B 153 7.55 2.05 -29.43
CA LEU B 153 8.68 2.96 -29.29
C LEU B 153 9.46 2.63 -28.04
N SER B 154 10.78 2.84 -28.09
CA SER B 154 11.65 2.78 -26.93
C SER B 154 12.29 4.15 -26.77
N CYS B 155 12.63 4.52 -25.54
CA CYS B 155 13.35 5.78 -25.25
C CYS B 155 14.36 5.55 -24.13
N ALA B 156 15.57 5.17 -24.51
CA ALA B 156 16.62 4.77 -23.58
C ALA B 156 17.31 5.99 -23.02
N ALA B 157 17.38 6.08 -21.69
CA ALA B 157 18.12 7.14 -21.01
C ALA B 157 19.49 6.60 -20.58
N SER B 158 20.49 7.50 -20.53
CA SER B 158 21.89 7.14 -20.25
C SER B 158 22.37 7.54 -18.83
N GLU B 159 21.50 8.13 -18.02
CA GLU B 159 21.88 8.61 -16.69
C GLU B 159 20.76 8.44 -15.67
N ARG B 160 21.15 8.28 -14.40
CA ARG B 160 20.21 8.08 -13.29
C ARG B 160 20.30 9.21 -12.26
N THR B 161 20.63 10.42 -12.73
CA THR B 161 20.78 11.57 -11.85
C THR B 161 19.44 11.86 -11.20
N PHE B 162 18.46 12.16 -12.03
CA PHE B 162 17.11 12.50 -11.57
C PHE B 162 16.26 11.24 -11.57
N SER B 163 15.65 10.94 -10.42
CA SER B 163 14.74 9.81 -10.33
C SER B 163 13.32 10.30 -10.06
N GLY B 164 13.05 11.57 -10.37
CA GLY B 164 11.74 12.18 -10.10
C GLY B 164 10.97 12.55 -11.35
N GLY B 165 9.77 13.08 -11.14
CA GLY B 165 8.86 13.46 -12.23
C GLY B 165 8.26 12.32 -13.05
N VAL B 166 8.23 12.53 -14.37
CA VAL B 166 7.66 11.56 -15.34
C VAL B 166 8.48 11.53 -16.62
N MET B 167 8.31 10.47 -17.41
CA MET B 167 8.70 10.49 -18.81
C MET B 167 7.46 10.65 -19.64
N GLY B 168 7.43 11.71 -20.45
CA GLY B 168 6.32 12.01 -21.33
C GLY B 168 6.66 11.72 -22.77
N TRP B 169 5.62 11.51 -23.58
CA TRP B 169 5.74 11.39 -25.03
C TRP B 169 4.89 12.47 -25.72
N PHE B 170 5.44 13.08 -26.77
CA PHE B 170 4.77 14.13 -27.54
C PHE B 170 4.83 13.80 -29.02
N ARG B 171 3.75 14.12 -29.73
CA ARG B 171 3.70 13.89 -31.16
C ARG B 171 3.61 15.25 -31.85
N GLN B 172 4.23 15.37 -33.02
CA GLN B 172 4.16 16.57 -33.86
C GLN B 172 3.56 16.18 -35.18
N ARG B 173 2.26 16.45 -35.33
CA ARG B 173 1.56 16.12 -36.57
C ARG B 173 2.00 17.08 -37.67
N PRO B 174 2.02 16.60 -38.93
CA PRO B 174 2.31 17.44 -40.10
C PRO B 174 1.57 18.79 -40.08
N GLY B 175 2.33 19.90 -40.10
CA GLY B 175 1.73 21.24 -40.13
C GLY B 175 0.99 21.59 -38.85
N LYS B 176 1.62 21.33 -37.69
CA LYS B 176 0.99 21.52 -36.38
C LYS B 176 1.98 21.54 -35.21
N GLU B 177 1.51 22.11 -34.10
CA GLU B 177 2.30 22.24 -32.87
C GLU B 177 2.33 20.92 -32.12
N ARG B 178 3.47 20.61 -31.48
CA ARG B 178 3.60 19.45 -30.57
C ARG B 178 2.43 19.34 -29.59
N GLU B 179 1.83 18.15 -29.50
CA GLU B 179 0.74 17.88 -28.54
C GLU B 179 1.13 16.70 -27.65
N PHE B 180 0.63 16.69 -26.40
CA PHE B 180 0.91 15.63 -25.44
C PHE B 180 0.19 14.33 -25.80
N VAL B 181 0.82 13.20 -25.53
CA VAL B 181 0.27 11.89 -25.88
C VAL B 181 0.08 11.05 -24.63
N ALA B 182 1.18 10.74 -23.95
CA ALA B 182 1.14 9.87 -22.78
C ALA B 182 2.40 9.99 -21.95
N ALA B 183 2.29 9.59 -20.68
CA ALA B 183 3.38 9.71 -19.74
C ALA B 183 3.30 8.65 -18.64
N ILE B 184 4.47 8.25 -18.14
CA ILE B 184 4.57 7.34 -16.99
C ILE B 184 5.52 7.96 -15.97
N ARG B 185 5.19 7.79 -14.70
CA ARG B 185 6.00 8.30 -13.59
C ARG B 185 7.35 7.61 -13.53
N TRP B 186 8.39 8.37 -13.17
CA TRP B 186 9.72 7.80 -12.92
C TRP B 186 9.89 7.45 -11.43
N ASN B 187 9.12 8.09 -10.55
CA ASN B 187 9.02 7.76 -9.12
C ASN B 187 8.29 6.44 -8.83
N GLY B 188 7.26 6.16 -9.64
CA GLY B 188 6.35 5.04 -9.40
C GLY B 188 5.85 4.41 -10.69
N ALA B 189 4.70 3.74 -10.61
CA ALA B 189 4.14 2.98 -11.75
C ALA B 189 3.01 3.68 -12.51
N SER B 190 2.48 4.77 -11.97
CA SER B 190 1.27 5.41 -12.49
C SER B 190 1.48 5.99 -13.88
N THR B 191 0.41 5.99 -14.68
CA THR B 191 0.44 6.51 -16.05
C THR B 191 -0.73 7.44 -16.31
N PHE B 192 -0.63 8.25 -17.35
CA PHE B 192 -1.77 9.04 -17.83
C PHE B 192 -1.59 9.40 -19.29
N TYR B 193 -2.72 9.63 -19.95
CA TYR B 193 -2.82 9.60 -21.42
C TYR B 193 -3.73 10.71 -21.91
N ALA B 194 -3.46 11.26 -23.09
CA ALA B 194 -4.36 12.21 -23.74
C ALA B 194 -5.58 11.49 -24.28
N ASP B 195 -6.69 12.20 -24.39
CA ASP B 195 -7.96 11.58 -24.81
C ASP B 195 -7.90 11.00 -26.22
N SER B 196 -7.03 11.56 -27.07
CA SER B 196 -6.85 11.06 -28.43
C SER B 196 -6.33 9.62 -28.51
N VAL B 197 -5.48 9.21 -27.55
CA VAL B 197 -4.92 7.85 -27.54
C VAL B 197 -5.47 6.91 -26.46
N LYS B 198 -6.30 7.40 -25.55
CA LYS B 198 -6.80 6.59 -24.42
C LYS B 198 -7.34 5.25 -24.87
N GLY B 199 -6.81 4.17 -24.29
CA GLY B 199 -7.24 2.81 -24.65
C GLY B 199 -6.53 2.16 -25.83
N ARG B 200 -5.87 2.97 -26.66
CA ARG B 200 -5.04 2.48 -27.77
C ARG B 200 -3.53 2.45 -27.43
N PHE B 201 -3.03 3.51 -26.78
CA PHE B 201 -1.62 3.61 -26.38
C PHE B 201 -1.44 3.23 -24.93
N THR B 202 -0.24 2.77 -24.60
CA THR B 202 0.12 2.33 -23.25
C THR B 202 1.61 2.54 -23.06
N CYS B 203 2.03 3.18 -21.97
CA CYS B 203 3.48 3.27 -21.68
C CYS B 203 3.86 2.59 -20.41
N SER B 204 5.03 1.97 -20.45
CA SER B 204 5.65 1.29 -19.33
C SER B 204 7.11 1.73 -19.29
N ARG B 205 7.85 1.19 -18.32
CA ARG B 205 9.30 1.40 -18.23
C ARG B 205 9.99 0.22 -17.58
N ASP B 206 11.23 -0.03 -18.00
CA ASP B 206 12.11 -0.99 -17.36
C ASP B 206 13.18 -0.23 -16.58
N ASN B 207 13.20 -0.41 -15.27
CA ASN B 207 14.16 0.26 -14.39
C ASN B 207 15.58 -0.23 -14.68
N ALA B 208 15.74 -1.55 -14.73
CA ALA B 208 17.02 -2.19 -15.06
C ALA B 208 17.74 -1.62 -16.30
N LYS B 209 17.00 -1.39 -17.39
CA LYS B 209 17.57 -0.86 -18.63
C LYS B 209 17.44 0.66 -18.75
N ASN B 210 16.92 1.31 -17.71
CA ASN B 210 16.63 2.75 -17.69
C ASN B 210 16.06 3.24 -19.04
N THR B 211 15.01 2.54 -19.47
CA THR B 211 14.39 2.73 -20.77
C THR B 211 12.89 2.86 -20.57
N GLY B 212 12.26 3.80 -21.26
CA GLY B 212 10.80 3.90 -21.31
C GLY B 212 10.29 3.34 -22.62
N TYR B 213 9.07 2.80 -22.58
CA TYR B 213 8.41 2.25 -23.77
C TYR B 213 7.05 2.91 -23.99
N LEU B 214 6.55 2.77 -25.22
CA LEU B 214 5.21 3.23 -25.62
C LEU B 214 4.61 2.26 -26.64
N GLN B 215 3.67 1.42 -26.20
CA GLN B 215 2.98 0.49 -27.08
C GLN B 215 1.87 1.29 -27.75
N MET B 216 1.89 1.33 -29.07
CA MET B 216 0.91 2.08 -29.86
C MET B 216 0.08 1.08 -30.68
N ASN B 217 -1.16 0.84 -30.26
CA ASN B 217 -2.03 -0.13 -30.92
C ASN B 217 -3.13 0.56 -31.73
N SER B 218 -3.67 -0.17 -32.70
CA SER B 218 -4.82 0.27 -33.49
C SER B 218 -4.59 1.62 -34.18
N LEU B 219 -3.48 1.70 -34.91
CA LEU B 219 -3.05 2.95 -35.50
C LEU B 219 -3.89 3.34 -36.71
N THR B 220 -4.12 4.65 -36.84
CA THR B 220 -4.82 5.24 -37.98
C THR B 220 -3.90 6.28 -38.63
N PRO B 221 -4.26 6.75 -39.83
CA PRO B 221 -3.46 7.79 -40.47
C PRO B 221 -3.37 9.09 -39.67
N GLU B 222 -4.35 9.39 -38.80
CA GLU B 222 -4.27 10.55 -37.91
C GLU B 222 -3.09 10.49 -36.94
N ASP B 223 -2.74 9.29 -36.49
CA ASP B 223 -1.60 9.08 -35.57
C ASP B 223 -0.24 9.30 -36.23
N THR B 224 -0.22 9.37 -37.57
CA THR B 224 1.00 9.68 -38.35
C THR B 224 1.56 11.05 -37.91
N ALA B 225 2.80 11.05 -37.44
CA ALA B 225 3.44 12.23 -36.81
C ALA B 225 4.88 11.90 -36.40
N VAL B 226 5.59 12.90 -35.87
CA VAL B 226 6.93 12.70 -35.31
C VAL B 226 6.78 12.57 -33.80
N TYR B 227 7.16 11.42 -33.26
CA TYR B 227 7.01 11.15 -31.82
C TYR B 227 8.33 11.44 -31.08
N TYR B 228 8.25 12.23 -30.00
CA TYR B 228 9.38 12.53 -29.12
C TYR B 228 9.12 12.04 -27.71
N CYS B 229 10.15 11.57 -27.02
CA CYS B 229 10.08 11.35 -25.58
C CYS B 229 10.73 12.52 -24.85
N ALA B 230 10.52 12.60 -23.56
CA ALA B 230 11.06 13.70 -22.76
C ALA B 230 10.94 13.39 -21.27
N ARG B 231 11.96 13.79 -20.50
CA ARG B 231 11.91 13.75 -19.04
C ARG B 231 11.63 15.14 -18.47
N ALA B 232 10.66 15.21 -17.57
CA ALA B 232 10.51 16.35 -16.67
C ALA B 232 11.01 15.85 -15.32
N VAL B 233 11.95 16.59 -14.73
CA VAL B 233 12.56 16.21 -13.47
C VAL B 233 11.64 16.51 -12.28
N ARG B 234 10.91 17.61 -12.38
CA ARG B 234 10.04 18.07 -11.31
C ARG B 234 8.87 17.12 -11.06
N THR B 235 8.51 16.94 -9.79
CA THR B 235 7.44 16.01 -9.37
C THR B 235 6.20 16.74 -8.85
N TYR B 236 5.18 16.86 -9.69
CA TYR B 236 3.86 17.41 -9.29
C TYR B 236 2.89 16.30 -8.89
N ALA B 237 1.98 16.61 -7.97
CA ALA B 237 0.96 15.64 -7.52
C ALA B 237 -0.09 15.41 -8.59
N SER B 238 -0.59 16.49 -9.18
CA SER B 238 -1.55 16.37 -10.30
C SER B 238 -0.77 16.27 -11.61
N SER B 239 -1.36 15.57 -12.59
CA SER B 239 -0.73 15.40 -13.90
C SER B 239 -0.84 16.63 -14.82
N ASP B 240 -1.66 17.61 -14.43
CA ASP B 240 -1.98 18.80 -15.26
C ASP B 240 -0.78 19.44 -15.96
N TYR B 241 0.28 19.71 -15.21
CA TYR B 241 1.47 20.39 -15.75
C TYR B 241 2.24 19.57 -16.78
N TYR B 242 2.16 18.24 -16.68
CA TYR B 242 2.89 17.35 -17.62
C TYR B 242 2.28 17.31 -19.01
N PHE B 243 1.06 17.86 -19.19
CA PHE B 243 0.48 18.03 -20.53
C PHE B 243 1.15 19.13 -21.35
N GLN B 244 1.95 19.99 -20.71
CA GLN B 244 2.61 21.12 -21.37
C GLN B 244 4.12 20.90 -21.55
N GLU B 245 4.63 21.23 -22.73
CA GLU B 245 6.04 21.01 -23.09
C GLU B 245 7.06 21.88 -22.36
N ARG B 246 6.64 23.06 -21.90
CA ARG B 246 7.45 23.92 -21.00
C ARG B 246 8.01 23.19 -19.77
N THR B 247 7.26 22.23 -19.25
CA THR B 247 7.65 21.48 -18.05
C THR B 247 8.86 20.56 -18.25
N TYR B 248 9.08 20.09 -19.47
CA TYR B 248 10.09 19.06 -19.70
C TYR B 248 11.45 19.68 -20.00
N ASP B 249 12.48 19.12 -19.36
CA ASP B 249 13.83 19.67 -19.42
C ASP B 249 14.61 19.07 -20.59
N TYR B 250 14.60 17.74 -20.67
CA TYR B 250 15.37 17.01 -21.69
C TYR B 250 14.45 16.38 -22.73
N TRP B 251 14.97 16.21 -23.95
CA TRP B 251 14.21 15.70 -25.10
C TRP B 251 15.01 14.70 -25.92
N GLY B 252 14.31 13.86 -26.67
CA GLY B 252 14.93 12.92 -27.60
C GLY B 252 15.00 13.51 -28.99
N GLN B 253 15.71 12.85 -29.89
CA GLN B 253 15.83 13.31 -31.29
C GLN B 253 14.51 13.19 -32.05
N GLY B 254 13.66 12.26 -31.63
CA GLY B 254 12.36 12.06 -32.25
C GLY B 254 12.43 10.99 -33.31
N THR B 255 11.30 10.33 -33.54
CA THR B 255 11.20 9.25 -34.52
C THR B 255 9.90 9.44 -35.30
N GLN B 256 9.94 9.10 -36.58
CA GLN B 256 8.79 9.21 -37.48
C GLN B 256 7.95 7.93 -37.45
N VAL B 257 6.67 8.08 -37.15
CA VAL B 257 5.68 7.02 -37.29
C VAL B 257 4.76 7.37 -38.46
N THR B 258 4.59 6.42 -39.38
CA THR B 258 3.76 6.63 -40.56
C THR B 258 2.75 5.50 -40.70
N VAL B 259 1.48 5.88 -40.90
CA VAL B 259 0.38 4.92 -40.99
C VAL B 259 -0.30 5.04 -42.36
N SER B 260 -0.37 3.93 -43.10
CA SER B 260 -0.93 3.91 -44.48
C SER B 260 -2.44 4.06 -44.48
N SER B 261 -2.94 4.82 -45.47
CA SER B 261 -4.38 5.10 -45.59
C SER B 261 -5.12 3.87 -46.12
N GLN C 1 -12.50 10.46 19.93
CA GLN C 1 -13.97 10.62 19.70
C GLN C 1 -14.34 12.11 19.59
N VAL C 2 -14.78 12.53 18.40
CA VAL C 2 -15.05 13.93 18.10
C VAL C 2 -16.56 14.16 17.95
N GLN C 3 -17.04 15.34 18.39
CA GLN C 3 -18.46 15.73 18.29
C GLN C 3 -18.61 16.91 17.34
N LEU C 4 -19.71 16.96 16.59
CA LEU C 4 -19.94 17.97 15.57
C LEU C 4 -21.35 18.55 15.64
N VAL C 5 -21.46 19.75 16.22
CA VAL C 5 -22.75 20.42 16.40
C VAL C 5 -22.88 21.44 15.27
N GLU C 6 -23.94 21.30 14.47
CA GLU C 6 -24.19 22.20 13.34
C GLU C 6 -25.13 23.34 13.68
N SER C 7 -24.66 24.56 13.40
CA SER C 7 -25.45 25.76 13.61
C SER C 7 -25.92 26.26 12.26
N GLY C 8 -27.18 26.72 12.21
CA GLY C 8 -27.70 27.43 11.05
C GLY C 8 -28.73 26.64 10.31
N GLY C 9 -29.30 27.27 9.29
CA GLY C 9 -30.27 26.64 8.39
C GLY C 9 -31.62 27.33 8.35
N GLY C 10 -32.49 26.80 7.51
CA GLY C 10 -33.88 27.23 7.45
C GLY C 10 -34.36 27.38 6.02
N LEU C 11 -35.48 28.07 5.88
CA LEU C 11 -36.09 28.34 4.59
C LEU C 11 -35.52 29.64 4.08
N VAL C 12 -35.28 29.70 2.76
CA VAL C 12 -34.79 30.93 2.13
C VAL C 12 -35.31 31.02 0.70
N GLN C 13 -35.56 32.24 0.23
CA GLN C 13 -36.06 32.46 -1.13
C GLN C 13 -34.90 32.38 -2.12
N ALA C 14 -35.19 32.01 -3.37
CA ALA C 14 -34.17 31.92 -4.43
C ALA C 14 -33.39 33.22 -4.58
N GLY C 15 -32.09 33.11 -4.85
CA GLY C 15 -31.18 34.25 -4.76
C GLY C 15 -30.58 34.47 -3.39
N GLY C 16 -31.12 33.79 -2.37
CA GLY C 16 -30.75 34.03 -0.98
C GLY C 16 -29.37 33.57 -0.53
N SER C 17 -29.08 33.82 0.74
CA SER C 17 -27.82 33.43 1.36
C SER C 17 -28.14 32.62 2.58
N LEU C 18 -27.10 31.96 3.07
CA LEU C 18 -27.17 31.23 4.33
C LEU C 18 -25.76 30.94 4.78
N ARG C 19 -25.58 30.80 6.08
CA ARG C 19 -24.27 30.46 6.61
C ARG C 19 -24.45 29.39 7.68
N LEU C 20 -23.70 28.30 7.57
CA LEU C 20 -23.76 27.17 8.51
C LEU C 20 -22.46 27.09 9.31
N SER C 21 -22.48 26.37 10.44
CA SER C 21 -21.28 26.23 11.32
C SER C 21 -21.05 24.82 11.85
N CYS C 22 -19.79 24.39 11.96
CA CYS C 22 -19.42 23.20 12.76
C CYS C 22 -18.79 23.67 14.04
N ALA C 23 -19.17 23.02 15.14
CA ALA C 23 -18.50 23.17 16.41
C ALA C 23 -17.85 21.84 16.73
N ALA C 24 -16.52 21.81 16.76
CA ALA C 24 -15.76 20.58 17.04
C ALA C 24 -15.31 20.55 18.49
N SER C 25 -15.82 19.59 19.24
CA SER C 25 -15.42 19.38 20.64
C SER C 25 -13.91 19.19 20.77
N GLY C 26 -13.38 18.23 20.01
CA GLY C 26 -11.95 17.90 20.00
C GLY C 26 -11.18 18.59 18.90
N ARG C 27 -9.92 18.19 18.73
CA ARG C 27 -9.12 18.59 17.57
C ARG C 27 -9.58 17.80 16.35
N THR C 28 -9.67 18.50 15.22
CA THR C 28 -10.03 17.90 13.94
C THR C 28 -8.92 18.22 12.97
N TYR C 29 -8.82 17.40 11.95
CA TYR C 29 -7.72 17.48 11.01
C TYR C 29 -8.25 17.96 9.67
N THR C 30 -9.15 17.21 9.06
CA THR C 30 -9.79 17.64 7.81
C THR C 30 -11.31 17.68 8.03
N MET C 31 -11.91 18.80 7.64
CA MET C 31 -13.34 19.06 7.89
C MET C 31 -14.06 19.41 6.61
N GLY C 32 -15.32 18.97 6.50
CA GLY C 32 -16.04 19.09 5.26
C GLY C 32 -17.54 19.20 5.38
N TRP C 33 -18.15 19.36 4.21
CA TRP C 33 -19.58 19.56 4.11
C TRP C 33 -20.13 18.68 3.03
N PHE C 34 -21.24 18.01 3.37
CA PHE C 34 -22.00 17.20 2.45
C PHE C 34 -23.45 17.59 2.52
N ARG C 35 -24.15 17.44 1.42
CA ARG C 35 -25.58 17.67 1.39
C ARG C 35 -26.31 16.43 0.89
N GLN C 36 -27.56 16.28 1.29
CA GLN C 36 -28.35 15.13 0.89
C GLN C 36 -29.81 15.50 0.64
N ALA C 37 -30.24 15.32 -0.61
CA ALA C 37 -31.63 15.57 -1.01
C ALA C 37 -32.59 14.54 -0.39
N PRO C 38 -33.91 14.70 -0.62
CA PRO C 38 -34.83 13.62 -0.25
C PRO C 38 -34.66 12.38 -1.15
N GLY C 39 -34.36 11.23 -0.54
CA GLY C 39 -34.20 9.96 -1.26
C GLY C 39 -32.99 9.77 -2.18
N LYS C 40 -32.03 10.68 -2.13
CA LYS C 40 -30.83 10.65 -3.00
C LYS C 40 -29.57 10.44 -2.16
N GLU C 41 -28.43 10.25 -2.82
CA GLU C 41 -27.17 10.02 -2.10
C GLU C 41 -26.62 11.32 -1.50
N ARG C 42 -25.62 11.17 -0.63
CA ARG C 42 -24.85 12.32 -0.15
C ARG C 42 -23.94 12.83 -1.29
N GLU C 43 -23.86 14.15 -1.41
CA GLU C 43 -23.05 14.81 -2.41
C GLU C 43 -22.02 15.64 -1.66
N PHE C 44 -20.78 15.61 -2.11
CA PHE C 44 -19.72 16.42 -1.50
C PHE C 44 -19.87 17.88 -1.91
N VAL C 45 -19.83 18.78 -0.93
CA VAL C 45 -19.91 20.21 -1.20
C VAL C 45 -18.51 20.82 -1.17
N ALA C 46 -17.89 20.77 0.00
CA ALA C 46 -16.58 21.38 0.20
C ALA C 46 -15.90 20.87 1.44
N ALA C 47 -14.58 21.03 1.47
CA ALA C 47 -13.79 20.64 2.62
C ALA C 47 -12.41 21.31 2.67
N MET C 48 -11.84 21.33 3.87
CA MET C 48 -10.70 22.17 4.21
C MET C 48 -9.66 21.41 5.01
N ARG C 49 -8.38 21.63 4.71
CA ARG C 49 -7.30 21.19 5.58
C ARG C 49 -6.06 22.08 5.54
N TRP C 50 -5.51 22.40 6.72
CA TRP C 50 -4.33 23.24 6.84
C TRP C 50 -4.45 24.60 6.17
N SER C 51 -5.66 25.12 5.99
CA SER C 51 -5.88 26.35 5.18
C SER C 51 -5.66 26.13 3.65
N ASP C 52 -5.81 24.88 3.19
CA ASP C 52 -6.08 24.59 1.79
C ASP C 52 -7.56 24.29 1.72
N THR C 53 -8.20 24.64 0.62
CA THR C 53 -9.61 24.33 0.42
C THR C 53 -9.78 23.46 -0.80
N ASP C 54 -10.98 22.87 -0.88
CA ASP C 54 -11.35 22.00 -1.97
C ASP C 54 -12.86 22.15 -2.06
N TYR C 55 -13.35 22.50 -3.25
CA TYR C 55 -14.78 22.61 -3.51
C TYR C 55 -15.19 21.69 -4.66
N ALA C 56 -16.44 21.29 -4.66
CA ALA C 56 -17.04 20.64 -5.83
C ALA C 56 -17.08 21.66 -6.96
N ASP C 57 -16.64 21.27 -8.15
CA ASP C 57 -16.56 22.19 -9.30
C ASP C 57 -17.94 22.76 -9.67
N SER C 58 -18.96 21.92 -9.51
CA SER C 58 -20.36 22.33 -9.59
C SER C 58 -20.69 23.56 -8.74
N LEU C 59 -20.38 23.48 -7.45
CA LEU C 59 -20.83 24.46 -6.45
C LEU C 59 -19.86 25.60 -6.16
N LYS C 60 -18.69 25.59 -6.78
CA LYS C 60 -17.66 26.60 -6.49
C LYS C 60 -18.14 27.97 -6.97
N GLY C 61 -17.65 29.01 -6.32
CA GLY C 61 -18.05 30.37 -6.61
C GLY C 61 -19.24 30.80 -5.77
N ARG C 62 -20.23 29.93 -5.63
CA ARG C 62 -21.38 30.18 -4.75
C ARG C 62 -21.14 29.77 -3.31
N PHE C 63 -20.43 28.66 -3.11
CA PHE C 63 -20.15 28.15 -1.78
C PHE C 63 -18.71 28.48 -1.44
N THR C 64 -18.48 28.84 -0.18
CA THR C 64 -17.14 29.16 0.31
C THR C 64 -16.99 28.77 1.79
N ILE C 65 -15.87 28.13 2.13
CA ILE C 65 -15.60 27.64 3.49
C ILE C 65 -14.49 28.45 4.14
N SER C 66 -14.58 28.58 5.45
CA SER C 66 -13.61 29.35 6.24
C SER C 66 -13.47 28.74 7.62
N ARG C 67 -12.57 29.28 8.42
CA ARG C 67 -12.39 28.85 9.82
C ARG C 67 -12.12 30.06 10.72
N ASP C 68 -12.78 30.10 11.88
CA ASP C 68 -12.46 31.06 12.93
C ASP C 68 -11.41 30.47 13.86
N ASN C 69 -10.35 31.23 14.10
CA ASN C 69 -9.22 30.80 14.94
C ASN C 69 -9.64 30.81 16.41
N ALA C 70 -10.37 31.86 16.80
CA ALA C 70 -10.92 32.01 18.15
C ALA C 70 -11.82 30.84 18.55
N ASN C 71 -12.84 30.59 17.72
CA ASN C 71 -13.83 29.55 18.01
C ASN C 71 -13.33 28.13 17.72
N ASN C 72 -12.39 27.99 16.77
CA ASN C 72 -12.05 26.70 16.16
C ASN C 72 -13.30 26.04 15.55
N ALA C 73 -14.08 26.87 14.87
CA ALA C 73 -15.34 26.49 14.23
C ALA C 73 -15.25 26.88 12.78
N MET C 74 -15.79 26.05 11.89
CA MET C 74 -15.77 26.36 10.47
C MET C 74 -17.16 26.86 10.06
N TYR C 75 -17.18 27.67 8.99
CA TYR C 75 -18.41 28.24 8.43
C TYR C 75 -18.51 27.89 6.96
N LEU C 76 -19.73 27.71 6.46
CA LEU C 76 -19.98 27.47 5.04
C LEU C 76 -20.92 28.55 4.55
N GLN C 77 -20.36 29.53 3.83
CA GLN C 77 -21.14 30.62 3.23
C GLN C 77 -21.76 30.12 1.92
N MET C 78 -23.07 30.30 1.76
CA MET C 78 -23.84 29.70 0.66
C MET C 78 -24.64 30.72 -0.14
N ASN C 79 -24.04 31.26 -1.19
CA ASN C 79 -24.67 32.34 -1.98
C ASN C 79 -25.51 31.85 -3.15
N SER C 80 -26.30 32.78 -3.70
CA SER C 80 -27.12 32.60 -4.91
C SER C 80 -27.87 31.28 -4.94
N LEU C 81 -28.56 30.97 -3.86
CA LEU C 81 -29.16 29.65 -3.71
C LEU C 81 -30.33 29.49 -4.65
N GLY C 82 -30.41 28.31 -5.28
CA GLY C 82 -31.52 27.93 -6.15
C GLY C 82 -32.27 26.76 -5.53
N PRO C 83 -33.40 26.34 -6.12
CA PRO C 83 -34.12 25.16 -5.58
C PRO C 83 -33.33 23.85 -5.73
N GLU C 84 -32.37 23.83 -6.66
CA GLU C 84 -31.39 22.75 -6.77
C GLU C 84 -30.54 22.51 -5.50
N ASP C 85 -30.53 23.47 -4.56
CA ASP C 85 -29.73 23.36 -3.35
C ASP C 85 -30.49 22.92 -2.09
N THR C 86 -31.78 22.58 -2.21
CA THR C 86 -32.53 22.14 -1.03
C THR C 86 -32.07 20.74 -0.67
N ALA C 87 -31.68 20.59 0.59
CA ALA C 87 -31.05 19.37 1.06
C ALA C 87 -30.83 19.46 2.55
N VAL C 88 -30.36 18.38 3.14
CA VAL C 88 -29.85 18.40 4.50
C VAL C 88 -28.34 18.46 4.40
N TYR C 89 -27.74 19.47 5.05
CA TYR C 89 -26.30 19.70 4.98
C TYR C 89 -25.64 19.12 6.21
N TYR C 90 -24.46 18.51 6.04
CA TYR C 90 -23.77 17.77 7.08
C TYR C 90 -22.31 18.25 7.30
N CYS C 91 -21.94 18.41 8.57
CA CYS C 91 -20.55 18.54 9.01
C CYS C 91 -19.91 17.20 8.82
N ALA C 92 -18.60 17.17 8.65
CA ALA C 92 -17.87 15.91 8.75
C ALA C 92 -16.40 16.15 9.00
N ALA C 93 -15.79 15.27 9.78
CA ALA C 93 -14.36 15.32 10.06
C ALA C 93 -13.70 13.99 9.74
N GLY C 94 -12.41 14.05 9.40
CA GLY C 94 -11.60 12.86 9.11
C GLY C 94 -10.11 13.14 9.20
N GLU C 95 -9.31 12.19 8.73
CA GLU C 95 -7.86 12.37 8.63
C GLU C 95 -7.37 12.31 7.16
N ALA C 96 -8.28 12.22 6.20
CA ALA C 96 -7.89 12.04 4.81
C ALA C 96 -7.86 13.37 4.07
N TRP C 97 -6.77 13.65 3.35
CA TRP C 97 -6.72 14.86 2.49
C TRP C 97 -6.89 14.55 1.00
N LEU C 98 -7.64 15.46 0.35
CA LEU C 98 -8.37 15.24 -0.84
C LEU C 98 -9.37 14.14 -0.44
N ALA C 99 -10.36 14.58 0.32
CA ALA C 99 -11.48 13.74 0.72
C ALA C 99 -12.75 14.28 0.07
N ARG C 100 -13.27 13.56 -0.92
CA ARG C 100 -14.43 14.00 -1.70
C ARG C 100 -15.56 12.99 -1.71
N SER C 101 -15.52 12.06 -0.76
CA SER C 101 -16.43 10.91 -0.71
C SER C 101 -16.68 10.55 0.75
N THR C 102 -17.91 10.13 1.05
CA THR C 102 -18.33 9.88 2.43
C THR C 102 -17.40 8.94 3.21
N HIS C 103 -16.81 7.96 2.54
CA HIS C 103 -15.92 7.00 3.20
C HIS C 103 -14.56 7.55 3.66
N HIS C 104 -14.23 8.79 3.30
CA HIS C 104 -13.01 9.43 3.80
C HIS C 104 -13.20 10.19 5.14
N TYR C 105 -14.38 10.07 5.75
CA TYR C 105 -14.73 10.85 6.93
C TYR C 105 -15.25 9.91 7.99
N ASP C 106 -14.68 10.04 9.19
CA ASP C 106 -15.03 9.17 10.32
C ASP C 106 -16.25 9.73 11.07
N TYR C 107 -16.17 11.00 11.48
CA TYR C 107 -17.20 11.61 12.33
C TYR C 107 -18.18 12.47 11.53
N TRP C 108 -19.43 12.53 11.99
CA TRP C 108 -20.52 13.22 11.28
C TRP C 108 -21.36 14.04 12.25
N GLY C 109 -21.89 15.16 11.75
CA GLY C 109 -22.81 16.02 12.51
C GLY C 109 -24.25 15.58 12.33
N GLN C 110 -25.16 16.24 13.03
CA GLN C 110 -26.57 15.82 13.07
C GLN C 110 -27.31 16.11 11.76
N GLY C 111 -27.08 17.30 11.21
CA GLY C 111 -27.74 17.75 9.98
C GLY C 111 -28.62 18.95 10.25
N THR C 112 -28.75 19.83 9.24
CA THR C 112 -29.68 20.97 9.29
C THR C 112 -30.38 21.04 7.95
N GLN C 113 -31.70 21.20 7.97
CA GLN C 113 -32.48 21.35 6.74
C GLN C 113 -32.29 22.74 6.15
N VAL C 114 -32.09 22.77 4.83
CA VAL C 114 -32.07 23.98 4.03
C VAL C 114 -33.13 23.82 2.93
N THR C 115 -33.99 24.82 2.78
CA THR C 115 -35.09 24.81 1.80
C THR C 115 -35.07 26.13 1.05
N VAL C 116 -35.48 26.09 -0.23
CA VAL C 116 -35.26 27.18 -1.18
C VAL C 116 -36.42 27.22 -2.17
N SER C 117 -37.30 28.20 -1.99
CA SER C 117 -38.51 28.36 -2.81
C SER C 117 -38.17 28.89 -4.21
N SER C 118 -38.90 28.39 -5.20
CA SER C 118 -38.65 28.71 -6.60
C SER C 118 -38.98 30.18 -6.92
N GLN C 134 -28.16 -17.82 8.65
CA GLN C 134 -29.39 -17.12 8.27
C GLN C 134 -29.13 -15.74 7.64
N LEU C 135 -28.13 -15.66 6.76
CA LEU C 135 -27.87 -14.45 5.97
C LEU C 135 -28.93 -14.36 4.87
N GLN C 136 -29.69 -13.26 4.86
CA GLN C 136 -30.69 -12.98 3.81
C GLN C 136 -30.10 -11.97 2.80
N LEU C 137 -30.48 -12.11 1.52
CA LEU C 137 -30.05 -11.23 0.43
C LEU C 137 -31.25 -10.80 -0.42
N VAL C 138 -31.41 -9.49 -0.61
CA VAL C 138 -32.56 -8.92 -1.32
C VAL C 138 -32.05 -8.16 -2.54
N GLU C 139 -32.39 -8.68 -3.73
CA GLU C 139 -31.98 -8.09 -5.01
C GLU C 139 -33.05 -7.17 -5.53
N SER C 140 -32.66 -6.24 -6.39
CA SER C 140 -33.56 -5.18 -6.82
C SER C 140 -32.92 -4.36 -7.93
N GLY C 141 -33.75 -3.80 -8.79
CA GLY C 141 -33.29 -2.95 -9.89
C GLY C 141 -33.41 -3.57 -11.28
N GLY C 142 -33.97 -4.78 -11.38
CA GLY C 142 -34.17 -5.43 -12.67
C GLY C 142 -35.22 -4.74 -13.53
N GLY C 143 -35.50 -5.29 -14.70
CA GLY C 143 -36.59 -4.77 -15.53
C GLY C 143 -36.52 -5.10 -17.00
N LEU C 144 -37.27 -4.33 -17.79
CA LEU C 144 -37.21 -4.38 -19.24
C LEU C 144 -36.44 -3.16 -19.72
N VAL C 145 -35.60 -3.36 -20.72
CA VAL C 145 -34.74 -2.27 -21.21
C VAL C 145 -34.52 -2.37 -22.73
N GLN C 146 -34.38 -1.19 -23.35
CA GLN C 146 -34.03 -1.12 -24.75
C GLN C 146 -32.60 -1.60 -24.96
N ALA C 147 -32.33 -2.21 -26.11
CA ALA C 147 -30.97 -2.59 -26.48
C ALA C 147 -30.10 -1.34 -26.59
N GLY C 148 -28.86 -1.48 -26.12
CA GLY C 148 -27.97 -0.34 -25.95
C GLY C 148 -28.10 0.31 -24.59
N GLY C 149 -29.10 -0.13 -23.82
CA GLY C 149 -29.46 0.55 -22.57
C GLY C 149 -28.66 0.03 -21.39
N SER C 150 -28.87 0.64 -20.23
CA SER C 150 -28.24 0.22 -18.99
C SER C 150 -29.25 -0.17 -17.89
N LEU C 151 -28.73 -0.82 -16.85
CA LEU C 151 -29.49 -1.27 -15.70
C LEU C 151 -28.52 -1.44 -14.53
N ARG C 152 -28.92 -1.00 -13.33
CA ARG C 152 -28.10 -1.19 -12.14
C ARG C 152 -28.88 -2.09 -11.19
N LEU C 153 -28.43 -3.33 -11.03
CA LEU C 153 -28.92 -4.21 -9.97
C LEU C 153 -28.22 -3.83 -8.67
N SER C 154 -28.90 -4.09 -7.56
CA SER C 154 -28.34 -3.90 -6.24
C SER C 154 -28.79 -5.07 -5.36
N CYS C 155 -27.97 -5.42 -4.38
CA CYS C 155 -28.18 -6.62 -3.57
C CYS C 155 -27.76 -6.32 -2.15
N ALA C 156 -28.72 -6.26 -1.23
CA ALA C 156 -28.46 -5.84 0.15
C ALA C 156 -28.49 -7.04 1.06
N ALA C 157 -27.55 -7.06 2.01
CA ALA C 157 -27.43 -8.12 2.99
C ALA C 157 -27.88 -7.60 4.35
N SER C 158 -28.50 -8.48 5.16
CA SER C 158 -28.99 -8.11 6.49
C SER C 158 -27.95 -8.34 7.58
N GLU C 159 -27.50 -9.60 7.69
CA GLU C 159 -26.74 -10.06 8.87
C GLU C 159 -25.43 -9.31 9.18
N ARG C 160 -24.55 -9.17 8.19
CA ARG C 160 -23.20 -8.60 8.42
C ARG C 160 -22.26 -9.49 9.30
N THR C 161 -22.52 -10.79 9.37
CA THR C 161 -21.70 -11.72 10.14
C THR C 161 -20.37 -11.98 9.44
N PHE C 162 -20.44 -12.42 8.18
CA PHE C 162 -19.26 -12.80 7.42
C PHE C 162 -18.73 -11.60 6.64
N SER C 163 -17.62 -11.03 7.07
CA SER C 163 -17.05 -9.84 6.42
C SER C 163 -15.89 -10.18 5.46
N GLY C 164 -15.85 -11.42 4.98
CA GLY C 164 -14.80 -11.87 4.07
C GLY C 164 -15.38 -12.70 2.95
N GLY C 165 -14.54 -12.98 1.96
CA GLY C 165 -14.91 -13.77 0.79
C GLY C 165 -15.22 -12.88 -0.40
N VAL C 166 -16.37 -13.12 -1.02
CA VAL C 166 -16.77 -12.46 -2.27
C VAL C 166 -18.30 -12.35 -2.41
N MET C 167 -18.78 -11.26 -2.99
CA MET C 167 -20.16 -11.24 -3.52
C MET C 167 -20.08 -11.42 -5.02
N GLY C 168 -20.87 -12.36 -5.54
CA GLY C 168 -20.83 -12.71 -6.95
C GLY C 168 -22.21 -12.67 -7.57
N TRP C 169 -22.23 -12.62 -8.90
CA TRP C 169 -23.46 -12.55 -9.67
C TRP C 169 -23.48 -13.67 -10.69
N PHE C 170 -24.67 -14.23 -10.87
CA PHE C 170 -24.90 -15.29 -11.82
C PHE C 170 -26.11 -14.96 -12.62
N ARG C 171 -26.29 -15.66 -13.72
CA ARG C 171 -27.47 -15.45 -14.54
C ARG C 171 -27.94 -16.75 -15.15
N GLN C 172 -29.26 -16.91 -15.23
CA GLN C 172 -29.88 -18.08 -15.81
C GLN C 172 -30.69 -17.65 -17.01
N ARG C 173 -30.13 -17.92 -18.19
CA ARG C 173 -30.77 -17.57 -19.45
C ARG C 173 -31.90 -18.57 -19.72
N PRO C 174 -32.73 -18.32 -20.76
CA PRO C 174 -33.77 -19.29 -21.11
C PRO C 174 -33.21 -20.60 -21.71
N GLY C 175 -33.56 -21.75 -21.12
CA GLY C 175 -33.09 -23.07 -21.60
C GLY C 175 -31.60 -23.30 -21.44
N LYS C 176 -31.07 -22.97 -20.26
CA LYS C 176 -29.62 -22.98 -20.01
C LYS C 176 -29.35 -23.11 -18.50
N GLU C 177 -28.09 -23.27 -18.13
CA GLU C 177 -27.67 -23.41 -16.73
C GLU C 177 -27.19 -22.07 -16.15
N ARG C 178 -27.06 -22.04 -14.82
CA ARG C 178 -26.73 -20.82 -14.09
C ARG C 178 -25.24 -20.50 -14.28
N GLU C 179 -24.93 -19.41 -14.99
CA GLU C 179 -23.54 -19.05 -15.33
C GLU C 179 -23.03 -17.89 -14.50
N PHE C 180 -21.74 -17.91 -14.12
CA PHE C 180 -21.11 -16.79 -13.39
C PHE C 180 -20.95 -15.55 -14.29
N VAL C 181 -21.08 -14.37 -13.69
CA VAL C 181 -21.01 -13.11 -14.43
C VAL C 181 -19.90 -12.20 -13.90
N ALA C 182 -19.95 -11.88 -12.63
CA ALA C 182 -19.05 -10.91 -12.06
C ALA C 182 -19.00 -11.05 -10.55
N ALA C 183 -17.99 -10.46 -9.93
CA ALA C 183 -17.83 -10.53 -8.47
C ALA C 183 -16.96 -9.43 -7.93
N ILE C 184 -17.13 -9.15 -6.65
CA ILE C 184 -16.29 -8.18 -5.94
C ILE C 184 -15.91 -8.74 -4.58
N ARG C 185 -14.70 -8.42 -4.14
CA ARG C 185 -14.21 -8.83 -2.85
C ARG C 185 -15.03 -8.12 -1.78
N TRP C 186 -15.46 -8.87 -0.77
CA TRP C 186 -16.16 -8.29 0.37
C TRP C 186 -15.20 -7.61 1.34
N ASN C 187 -13.98 -8.17 1.46
CA ASN C 187 -12.88 -7.60 2.24
C ASN C 187 -11.89 -6.78 1.41
N GLY C 188 -12.29 -6.35 0.21
CA GLY C 188 -11.47 -5.47 -0.64
C GLY C 188 -12.28 -4.69 -1.68
N ALA C 189 -11.58 -4.07 -2.63
CA ALA C 189 -12.21 -3.42 -3.78
C ALA C 189 -11.95 -4.13 -5.11
N SER C 190 -11.07 -5.11 -5.10
CA SER C 190 -10.71 -5.81 -6.34
C SER C 190 -11.87 -6.65 -6.81
N THR C 191 -11.95 -6.77 -8.12
CA THR C 191 -13.17 -7.23 -8.78
C THR C 191 -12.79 -8.06 -10.00
N PHE C 192 -13.57 -9.08 -10.32
CA PHE C 192 -13.33 -9.88 -11.52
C PHE C 192 -14.61 -10.32 -12.19
N TYR C 193 -14.49 -10.62 -13.49
CA TYR C 193 -15.63 -10.78 -14.38
C TYR C 193 -15.50 -11.99 -15.28
N ALA C 194 -16.60 -12.33 -15.96
CA ALA C 194 -16.59 -13.35 -17.00
C ALA C 194 -16.40 -12.67 -18.34
N ASP C 195 -15.80 -13.38 -19.29
CA ASP C 195 -15.46 -12.78 -20.60
C ASP C 195 -16.66 -12.24 -21.36
N SER C 196 -17.81 -12.87 -21.15
CA SER C 196 -19.07 -12.46 -21.77
C SER C 196 -19.50 -11.03 -21.42
N VAL C 197 -19.07 -10.51 -20.27
CA VAL C 197 -19.45 -9.17 -19.84
C VAL C 197 -18.29 -8.21 -19.66
N LYS C 198 -17.06 -8.62 -19.99
CA LYS C 198 -15.89 -7.73 -19.84
C LYS C 198 -16.13 -6.45 -20.60
N GLY C 199 -15.71 -5.33 -20.02
CA GLY C 199 -15.94 -4.01 -20.64
C GLY C 199 -17.35 -3.44 -20.61
N ARG C 200 -18.29 -4.13 -19.96
CA ARG C 200 -19.71 -3.72 -19.91
C ARG C 200 -20.30 -3.74 -18.51
N PHE C 201 -20.08 -4.82 -17.78
CA PHE C 201 -20.55 -4.92 -16.41
C PHE C 201 -19.45 -4.49 -15.44
N THR C 202 -19.85 -3.82 -14.36
CA THR C 202 -18.92 -3.36 -13.33
C THR C 202 -19.50 -3.61 -11.94
N CYS C 203 -18.71 -4.27 -11.10
CA CYS C 203 -19.10 -4.56 -9.73
C CYS C 203 -18.63 -3.44 -8.84
N SER C 204 -19.30 -3.33 -7.71
CA SER C 204 -19.27 -2.15 -6.89
C SER C 204 -19.90 -2.55 -5.56
N ARG C 205 -19.53 -1.91 -4.46
CA ARG C 205 -20.21 -2.16 -3.19
C ARG C 205 -20.14 -0.97 -2.24
N ASP C 206 -21.06 -0.92 -1.30
CA ASP C 206 -21.03 0.08 -0.24
C ASP C 206 -21.02 -0.61 1.11
N ASN C 207 -19.96 -0.33 1.89
CA ASN C 207 -19.79 -0.91 3.22
C ASN C 207 -20.87 -0.40 4.18
N ALA C 208 -21.10 0.91 4.19
CA ALA C 208 -22.14 1.54 5.00
C ALA C 208 -23.44 0.76 4.91
N LYS C 209 -24.00 0.66 3.69
CA LYS C 209 -25.28 0.01 3.47
C LYS C 209 -25.21 -1.52 3.37
N ASN C 210 -24.00 -2.09 3.41
CA ASN C 210 -23.79 -3.55 3.28
C ASN C 210 -24.45 -4.10 2.01
N THR C 211 -24.35 -3.32 0.95
CA THR C 211 -25.02 -3.59 -0.31
C THR C 211 -23.97 -3.61 -1.41
N GLY C 212 -24.12 -4.55 -2.34
CA GLY C 212 -23.34 -4.60 -3.56
C GLY C 212 -24.18 -4.17 -4.75
N TYR C 213 -23.52 -3.72 -5.80
CA TYR C 213 -24.19 -3.28 -7.01
C TYR C 213 -23.58 -3.97 -8.22
N LEU C 214 -24.28 -3.86 -9.34
CA LEU C 214 -23.82 -4.35 -10.63
C LEU C 214 -24.34 -3.42 -11.72
N GLN C 215 -23.48 -2.61 -12.30
CA GLN C 215 -23.86 -1.73 -13.40
C GLN C 215 -23.74 -2.55 -14.67
N MET C 216 -24.85 -2.73 -15.38
CA MET C 216 -24.88 -3.49 -16.63
C MET C 216 -25.05 -2.51 -17.80
N ASN C 217 -24.01 -2.28 -18.57
CA ASN C 217 -24.07 -1.36 -19.71
C ASN C 217 -24.12 -2.08 -21.05
N SER C 218 -24.46 -1.31 -22.09
CA SER C 218 -24.47 -1.76 -23.47
C SER C 218 -25.14 -3.12 -23.64
N LEU C 219 -26.36 -3.23 -23.09
CA LEU C 219 -27.06 -4.51 -22.98
C LEU C 219 -27.63 -4.97 -24.32
N THR C 220 -27.55 -6.26 -24.56
CA THR C 220 -28.03 -6.89 -25.79
C THR C 220 -29.13 -7.90 -25.40
N PRO C 221 -29.96 -8.35 -26.36
CA PRO C 221 -30.89 -9.45 -26.08
C PRO C 221 -30.29 -10.72 -25.47
N GLU C 222 -29.01 -10.98 -25.72
CA GLU C 222 -28.32 -12.14 -25.12
C GLU C 222 -28.09 -12.04 -23.60
N ASP C 223 -28.18 -10.81 -23.08
CA ASP C 223 -28.12 -10.58 -21.63
C ASP C 223 -29.43 -10.85 -20.91
N THR C 224 -30.52 -11.08 -21.64
CA THR C 224 -31.83 -11.41 -21.06
C THR C 224 -31.72 -12.71 -20.27
N ALA C 225 -32.05 -12.62 -18.98
CA ALA C 225 -31.88 -13.71 -18.01
C ALA C 225 -32.36 -13.34 -16.60
N VAL C 226 -32.37 -14.34 -15.72
CA VAL C 226 -32.65 -14.13 -14.32
C VAL C 226 -31.30 -13.96 -13.60
N TYR C 227 -31.08 -12.78 -13.03
CA TYR C 227 -29.80 -12.44 -12.39
C TYR C 227 -29.87 -12.67 -10.88
N TYR C 228 -28.98 -13.52 -10.36
CA TYR C 228 -28.87 -13.81 -8.91
C TYR C 228 -27.63 -13.16 -8.32
N CYS C 229 -27.72 -12.63 -7.10
CA CYS C 229 -26.52 -12.28 -6.30
C CYS C 229 -26.29 -13.42 -5.31
N ALA C 230 -25.06 -13.53 -4.81
CA ALA C 230 -24.72 -14.59 -3.88
C ALA C 230 -23.41 -14.31 -3.19
N ARG C 231 -23.28 -14.83 -1.96
CA ARG C 231 -22.11 -14.62 -1.10
C ARG C 231 -21.34 -15.92 -0.89
N ALA C 232 -20.02 -15.87 -1.11
CA ALA C 232 -19.10 -16.92 -0.67
C ALA C 232 -18.32 -16.36 0.51
N VAL C 233 -18.34 -17.10 1.61
CA VAL C 233 -17.75 -16.65 2.87
C VAL C 233 -16.24 -16.96 2.93
N ARG C 234 -15.85 -18.05 2.28
CA ARG C 234 -14.47 -18.47 2.23
C ARG C 234 -13.63 -17.54 1.38
N THR C 235 -12.50 -17.10 1.93
CA THR C 235 -11.59 -16.20 1.24
C THR C 235 -10.46 -16.98 0.55
N TYR C 236 -10.53 -17.08 -0.77
CA TYR C 236 -9.47 -17.68 -1.58
C TYR C 236 -8.64 -16.59 -2.26
N ALA C 237 -7.34 -16.80 -2.37
CA ALA C 237 -6.47 -15.89 -3.13
C ALA C 237 -6.75 -15.92 -4.64
N SER C 238 -7.03 -17.12 -5.17
CA SER C 238 -7.03 -17.41 -6.61
C SER C 238 -8.09 -16.70 -7.42
N SER C 239 -9.34 -16.77 -6.97
CA SER C 239 -10.54 -16.32 -7.73
C SER C 239 -11.14 -17.35 -8.70
N ASP C 240 -10.40 -18.40 -9.04
CA ASP C 240 -10.93 -19.46 -9.91
C ASP C 240 -12.15 -20.15 -9.30
N TYR C 241 -12.12 -20.41 -7.99
CA TYR C 241 -13.22 -21.10 -7.32
C TYR C 241 -14.54 -20.30 -7.36
N TYR C 242 -14.45 -18.98 -7.32
CA TYR C 242 -15.65 -18.13 -7.33
C TYR C 242 -16.44 -18.10 -8.64
N PHE C 243 -15.87 -18.65 -9.71
CA PHE C 243 -16.60 -18.87 -10.97
C PHE C 243 -17.59 -20.03 -10.86
N GLN C 244 -17.50 -20.84 -9.80
CA GLN C 244 -18.34 -22.02 -9.64
C GLN C 244 -19.46 -21.83 -8.62
N GLU C 245 -20.66 -22.23 -9.03
CA GLU C 245 -21.89 -22.14 -8.24
C GLU C 245 -21.71 -22.69 -6.82
N ARG C 246 -21.16 -23.91 -6.77
CA ARG C 246 -20.98 -24.68 -5.52
C ARG C 246 -20.23 -23.96 -4.39
N THR C 247 -19.35 -23.01 -4.74
CA THR C 247 -18.58 -22.23 -3.76
C THR C 247 -19.42 -21.29 -2.88
N TYR C 248 -20.62 -20.94 -3.34
CA TYR C 248 -21.41 -19.89 -2.67
C TYR C 248 -22.36 -20.48 -1.62
N ASP C 249 -22.48 -19.76 -0.50
CA ASP C 249 -23.22 -20.21 0.67
C ASP C 249 -24.66 -19.69 0.69
N TYR C 250 -24.83 -18.41 0.33
CA TYR C 250 -26.12 -17.72 0.43
C TYR C 250 -26.50 -17.09 -0.91
N TRP C 251 -27.77 -17.23 -1.29
CA TRP C 251 -28.27 -16.70 -2.56
C TRP C 251 -29.43 -15.73 -2.35
N GLY C 252 -29.59 -14.82 -3.30
CA GLY C 252 -30.77 -13.96 -3.38
C GLY C 252 -31.87 -14.66 -4.16
N GLN C 253 -33.04 -14.03 -4.21
CA GLN C 253 -34.25 -14.63 -4.81
C GLN C 253 -34.20 -14.70 -6.33
N GLY C 254 -33.56 -13.71 -6.95
CA GLY C 254 -33.43 -13.64 -8.41
C GLY C 254 -34.31 -12.53 -8.95
N THR C 255 -33.83 -11.85 -9.99
CA THR C 255 -34.55 -10.75 -10.62
C THR C 255 -34.43 -10.85 -12.16
N GLN C 256 -35.54 -10.68 -12.86
CA GLN C 256 -35.57 -10.78 -14.31
C GLN C 256 -35.03 -9.50 -14.94
N VAL C 257 -34.11 -9.68 -15.87
CA VAL C 257 -33.69 -8.63 -16.79
C VAL C 257 -34.12 -9.13 -18.15
N THR C 258 -34.72 -8.23 -18.94
CA THR C 258 -35.12 -8.53 -20.31
C THR C 258 -34.73 -7.37 -21.20
N VAL C 259 -34.06 -7.68 -22.30
CA VAL C 259 -33.52 -6.66 -23.20
C VAL C 259 -34.25 -6.81 -24.53
N SER C 260 -34.99 -5.77 -24.93
CA SER C 260 -35.78 -5.82 -26.16
C SER C 260 -34.88 -5.61 -27.37
N SER C 261 -35.17 -6.36 -28.42
CA SER C 261 -34.40 -6.32 -29.68
C SER C 261 -34.56 -4.97 -30.37
#